data_1KQM
#
_entry.id   1KQM
#
_cell.length_a   52.396
_cell.length_b   58.642
_cell.length_c   148.873
_cell.angle_alpha   81.64
_cell.angle_beta   82.39
_cell.angle_gamma   87.43
#
_symmetry.space_group_name_H-M   'P 1'
#
loop_
_entity.id
_entity.type
_entity.pdbx_description
1 polymer 'MYOSIN heavy chain'
2 polymer 'MYOSIN REGULATORY LIGHT CHAIN'
3 polymer 'MYOSIN ESSENTIAL LIGHT CHAIN'
4 non-polymer 'MAGNESIUM ION'
5 non-polymer 'PHOSPHOAMINOPHOSPHONIC ACID-ADENYLATE ESTER'
6 non-polymer 'CALCIUM ION'
7 water water
#
loop_
_entity_poly.entity_id
_entity_poly.type
_entity_poly.pdbx_seq_one_letter_code
_entity_poly.pdbx_strand_id
1 'polypeptide(L)'
;MNIDFSDPDFQYLAVDRKKLMKEQTAAFDGKKNCWVPDEKEGFASAEIQSSKGDEITVKIVADSSTRTVKKDDIQSMNPP
KFEKLEDMANMTYLNEASVLYNLRSRYTSGLIYTYSGLFCIAVNPYRRLPIYTDSVIAKYRGKRKTEIPPHLFSVADNAY
QNMVTDRENQSCLITGESGAGKTENTKKVIMYLAKVACAVKKKDEEASDKKEGSLEDQIIQANPVLEAYGNAKTTRNNNS
SRFGKFIRIHFGPTGKIAGADIETYLLEKSRVTYQQSAERNYHIFYQICSNAIPELNDVMLVTPDSGLYSFINQGCLTVD
NIDDVEEFKLCDEAFDILGFTKEEKQSMFKCTASILHMGEMKFKQRPREEQAESDGTAEAEKVAFLCGINAGDLLKALLK
PKVKVGTEMVTKGQNMNQVVNSVGALAKSLYDRMFNWLVRRVNKTLDTKAKRNYYIGVLDIAGFEIFDFNSFEQLCINYT
NERLQQFFNHHMFILEQEEYKKEGIAWEFIDFGMDLQMCIDLIEKPMGILSILEEECMFPKADDKSFQDKLYQNHMGKNR
MFTKPGKPTRPNQGPAHFELHHYAGNVPYSITGWLEKNKDPINENVVALLGASKEPLVAELFKAPEEPAGGGKKKKGKSS
AFQTISAVHRESLNKLMKNLYSTHPHFVRCIIPNELKQPGLVDAELVLHQLQCNGVLEGIRICRKGFPSRLIYSEFKQRY
SILAPNAIPQGFVDGKTVSEKILAGLQMDPAEYRLGTTKVFFKAGVLGNLEEMRDERLSKIISMFQAHIRGYLIRKAYKK
LQDQRIGLSVIQRNIRKWLVLRNWQWWKLYSKVKP
;
A
2 'polypeptide(L)'
;ADKAASGVLTKLPQKQIQEMKEAFSMIDVDRDGFVSKEDIKAISEQLGRAPDDKELTAMLKEAPGPLNFTMFLSIFSDKL
SGTDSEETIRNAFAMFDEQETKKLNIEYIKDLLENMGDNFNKDEMRMTFKEAPVEGGKFDYVKFTAMIKGSGEEEA
;
B
3 'polypeptide(L)'
;PKLSQDEIDDLKDVFELFDFWDGRDGAVDAFKLGDVCRCLGINPRNEDVFAVGGTHKMGEKSLPFEEFLPAYEGLMDCEQ
GTFADYMEAFKTFDREGQGFISGAELRHVLTALGERLSDEDVDEIIKLTDLQEDLEGNVKYEDFVKKVMAGPYPDK
;
C
#
loop_
_chem_comp.id
_chem_comp.type
_chem_comp.name
_chem_comp.formula
ANP non-polymer 'PHOSPHOAMINOPHOSPHONIC ACID-ADENYLATE ESTER' 'C10 H17 N6 O12 P3'
CA non-polymer 'CALCIUM ION' 'Ca 2'
MG non-polymer 'MAGNESIUM ION' 'Mg 2'
#
# COMPACT_ATOMS: atom_id res chain seq x y z
N PHE A 5 9.13 -46.89 -7.29
CA PHE A 5 9.37 -46.17 -6.00
C PHE A 5 8.30 -45.23 -5.35
N SER A 6 7.10 -45.76 -5.11
CA SER A 6 6.12 -45.00 -4.39
C SER A 6 5.22 -45.76 -3.42
N ASP A 7 4.72 -44.89 -2.58
CA ASP A 7 3.76 -45.02 -1.56
C ASP A 7 3.84 -46.06 -0.48
N PRO A 8 5.03 -46.21 0.15
CA PRO A 8 4.98 -47.23 1.20
C PRO A 8 4.88 -46.56 2.61
N ASP A 9 5.82 -45.65 2.85
CA ASP A 9 5.93 -44.96 4.15
C ASP A 9 5.62 -43.46 3.93
N PHE A 10 5.06 -43.19 2.76
CA PHE A 10 4.72 -41.84 2.37
C PHE A 10 3.30 -41.53 2.70
N GLN A 11 3.12 -41.31 3.96
CA GLN A 11 1.81 -41.05 4.43
C GLN A 11 1.70 -39.61 4.81
N TYR A 12 2.81 -38.96 5.10
CA TYR A 12 2.69 -37.58 5.58
C TYR A 12 3.89 -36.89 5.06
N LEU A 13 4.40 -37.44 3.97
CA LEU A 13 5.62 -36.94 3.36
C LEU A 13 5.42 -36.33 1.98
N ALA A 14 4.56 -36.92 1.16
CA ALA A 14 4.41 -36.38 -0.20
C ALA A 14 3.08 -36.65 -0.85
N MET A 21 -3.85 -39.70 -7.48
CA MET A 21 -4.02 -38.30 -7.15
C MET A 21 -5.49 -37.99 -6.97
N LYS A 22 -5.77 -36.70 -6.86
CA LYS A 22 -7.12 -36.23 -6.69
C LYS A 22 -7.48 -35.59 -7.99
N GLU A 23 -8.51 -34.78 -7.89
CA GLU A 23 -9.01 -34.00 -9.00
C GLU A 23 -7.90 -33.31 -9.83
N GLN A 24 -8.31 -33.14 -11.09
CA GLN A 24 -7.69 -32.57 -12.25
C GLN A 24 -8.79 -31.55 -12.42
N THR A 25 -10.05 -31.99 -12.46
CA THR A 25 -11.06 -31.04 -12.68
C THR A 25 -12.43 -31.04 -12.06
N ALA A 26 -12.65 -29.77 -11.71
CA ALA A 26 -13.77 -29.07 -11.07
C ALA A 26 -13.31 -27.80 -11.83
N ALA A 27 -14.25 -27.11 -12.46
CA ALA A 27 -14.01 -25.97 -13.33
C ALA A 27 -13.43 -24.70 -12.81
N PHE A 28 -12.29 -24.38 -13.36
CA PHE A 28 -11.67 -23.17 -13.03
C PHE A 28 -11.77 -22.45 -14.34
N ASP A 29 -12.00 -21.17 -14.13
CA ASP A 29 -12.10 -20.23 -15.16
C ASP A 29 -10.81 -19.40 -15.09
N GLY A 30 -10.72 -18.46 -16.00
CA GLY A 30 -9.56 -17.59 -16.08
C GLY A 30 -9.53 -16.26 -15.32
N LYS A 31 -10.12 -15.22 -15.88
CA LYS A 31 -10.09 -13.92 -15.23
C LYS A 31 -11.39 -13.67 -14.54
N LYS A 32 -12.17 -14.72 -14.39
CA LYS A 32 -13.45 -14.61 -13.69
C LYS A 32 -13.27 -14.94 -12.18
N ASN A 33 -12.25 -15.76 -11.88
CA ASN A 33 -11.90 -16.19 -10.51
C ASN A 33 -10.63 -15.50 -10.00
N CYS A 34 -10.54 -15.27 -8.70
CA CYS A 34 -9.35 -14.66 -8.13
C CYS A 34 -9.43 -14.52 -6.61
N TRP A 35 -8.34 -14.02 -6.01
CA TRP A 35 -8.25 -13.86 -4.57
C TRP A 35 -8.73 -12.48 -4.14
N VAL A 36 -9.41 -12.45 -3.00
CA VAL A 36 -9.93 -11.21 -2.44
C VAL A 36 -9.56 -11.12 -0.96
N PRO A 37 -9.28 -9.90 -0.47
CA PRO A 37 -8.92 -9.74 0.92
C PRO A 37 -10.11 -9.95 1.85
N ASP A 38 -9.98 -10.99 2.66
CA ASP A 38 -10.94 -11.34 3.70
C ASP A 38 -10.32 -10.73 4.97
N GLU A 39 -11.03 -10.73 6.12
CA GLU A 39 -10.50 -10.14 7.35
C GLU A 39 -10.19 -11.21 8.43
N LYS A 40 -10.84 -12.38 8.23
CA LYS A 40 -10.75 -13.55 9.10
C LYS A 40 -9.84 -14.58 8.48
N GLU A 41 -9.96 -14.73 7.16
CA GLU A 41 -9.11 -15.71 6.51
C GLU A 41 -7.93 -15.08 5.80
N GLY A 42 -7.76 -13.77 5.95
CA GLY A 42 -6.67 -13.06 5.26
C GLY A 42 -7.05 -12.70 3.82
N PHE A 43 -7.14 -13.74 2.99
CA PHE A 43 -7.54 -13.64 1.61
C PHE A 43 -8.58 -14.74 1.38
N ALA A 44 -9.79 -14.36 0.98
CA ALA A 44 -10.81 -15.38 0.70
C ALA A 44 -11.02 -15.52 -0.82
N SER A 45 -11.41 -16.69 -1.30
CA SER A 45 -11.62 -16.92 -2.73
C SER A 45 -12.92 -16.30 -3.22
N ALA A 46 -12.93 -15.90 -4.49
CA ALA A 46 -14.11 -15.25 -5.09
C ALA A 46 -14.21 -15.39 -6.61
N GLU A 47 -15.43 -15.28 -7.13
CA GLU A 47 -15.71 -15.32 -8.57
C GLU A 47 -16.36 -13.97 -8.89
N ILE A 48 -15.71 -13.20 -9.77
CA ILE A 48 -16.13 -11.83 -10.09
C ILE A 48 -17.45 -11.69 -10.78
N GLN A 49 -18.08 -10.52 -10.56
CA GLN A 49 -19.42 -10.24 -11.15
C GLN A 49 -19.56 -9.00 -12.08
N SER A 50 -18.92 -7.89 -11.74
CA SER A 50 -19.00 -6.70 -12.57
C SER A 50 -17.98 -5.66 -12.14
N SER A 51 -17.85 -4.65 -13.01
CA SER A 51 -16.90 -3.55 -12.79
C SER A 51 -17.58 -2.20 -12.72
N LYS A 52 -16.86 -1.26 -12.14
CA LYS A 52 -17.35 0.10 -12.00
C LYS A 52 -16.23 1.10 -11.70
N GLY A 53 -15.04 0.86 -12.21
CA GLY A 53 -13.99 1.82 -11.94
C GLY A 53 -13.00 1.16 -11.02
N ASP A 54 -12.95 1.60 -9.77
CA ASP A 54 -12.07 1.05 -8.72
C ASP A 54 -12.92 -0.02 -8.04
N GLU A 55 -14.14 0.38 -7.72
CA GLU A 55 -15.07 -0.53 -7.12
C GLU A 55 -15.31 -1.71 -8.07
N ILE A 56 -15.22 -2.94 -7.55
CA ILE A 56 -15.45 -4.15 -8.33
C ILE A 56 -16.45 -5.09 -7.61
N THR A 57 -17.54 -5.44 -8.27
CA THR A 57 -18.51 -6.38 -7.70
C THR A 57 -18.10 -7.86 -7.95
N VAL A 58 -17.88 -8.61 -6.86
CA VAL A 58 -17.46 -10.00 -6.92
C VAL A 58 -18.22 -10.86 -5.93
N LYS A 59 -18.44 -12.12 -6.28
CA LYS A 59 -19.22 -13.01 -5.42
C LYS A 59 -18.33 -13.96 -4.65
N ILE A 60 -18.47 -14.03 -3.31
CA ILE A 60 -17.62 -14.95 -2.48
C ILE A 60 -17.95 -16.42 -2.78
N VAL A 61 -16.94 -17.23 -2.98
CA VAL A 61 -17.20 -18.60 -3.41
C VAL A 61 -18.08 -19.46 -2.54
N ALA A 62 -17.53 -19.90 -1.43
CA ALA A 62 -18.25 -20.79 -0.53
C ALA A 62 -18.78 -20.15 0.73
N ASP A 63 -19.10 -18.87 0.63
CA ASP A 63 -19.71 -18.11 1.72
C ASP A 63 -20.94 -17.65 0.95
N SER A 64 -20.68 -17.35 -0.32
CA SER A 64 -21.63 -16.92 -1.31
C SER A 64 -22.17 -15.50 -1.26
N SER A 65 -21.60 -14.59 -0.44
CA SER A 65 -22.16 -13.23 -0.48
C SER A 65 -21.23 -12.04 -0.66
N THR A 66 -21.48 -11.38 -1.80
CA THR A 66 -20.79 -10.20 -2.39
C THR A 66 -20.46 -8.87 -1.67
N ARG A 67 -19.40 -8.18 -2.16
CA ARG A 67 -18.93 -6.93 -1.57
C ARG A 67 -18.02 -6.15 -2.51
N THR A 68 -17.87 -4.86 -2.19
CA THR A 68 -17.08 -3.85 -2.92
C THR A 68 -15.61 -4.10 -2.75
N VAL A 69 -14.81 -3.84 -3.77
CA VAL A 69 -13.36 -4.05 -3.70
C VAL A 69 -12.52 -3.23 -4.71
N LYS A 70 -11.54 -2.47 -4.22
CA LYS A 70 -10.65 -1.74 -5.14
C LYS A 70 -9.90 -2.77 -6.03
N LYS A 71 -9.72 -2.48 -7.31
CA LYS A 71 -9.09 -3.45 -8.19
C LYS A 71 -7.60 -3.71 -7.91
N ASP A 72 -7.02 -2.94 -6.99
CA ASP A 72 -5.60 -3.06 -6.64
C ASP A 72 -5.33 -3.89 -5.39
N ASP A 73 -6.42 -4.38 -4.80
CA ASP A 73 -6.31 -5.24 -3.65
C ASP A 73 -6.61 -6.60 -4.19
N ILE A 74 -7.40 -6.66 -5.25
CA ILE A 74 -7.71 -7.95 -5.83
C ILE A 74 -6.37 -8.55 -6.20
N GLN A 75 -6.26 -9.88 -6.12
CA GLN A 75 -5.01 -10.59 -6.41
C GLN A 75 -5.16 -11.81 -7.32
N SER A 76 -4.17 -11.98 -8.18
CA SER A 76 -4.17 -13.03 -9.15
C SER A 76 -4.23 -14.34 -8.40
N MET A 77 -4.67 -15.41 -9.07
CA MET A 77 -4.74 -16.76 -8.49
C MET A 77 -4.30 -17.83 -9.52
N ASN A 78 -3.60 -18.87 -9.07
CA ASN A 78 -3.17 -19.96 -9.97
C ASN A 78 -4.25 -21.06 -10.20
N PRO A 79 -4.11 -21.83 -11.26
CA PRO A 79 -5.03 -22.90 -11.60
C PRO A 79 -4.77 -24.12 -10.74
N PRO A 80 -5.63 -25.15 -10.86
CA PRO A 80 -5.63 -26.43 -10.17
C PRO A 80 -4.39 -27.31 -10.25
N LYS A 81 -4.13 -27.96 -11.36
CA LYS A 81 -2.98 -28.87 -11.40
C LYS A 81 -1.66 -28.25 -10.98
N PHE A 82 -1.75 -27.03 -10.49
CA PHE A 82 -0.67 -26.22 -9.99
C PHE A 82 -0.81 -26.05 -8.43
N GLU A 83 -1.74 -26.79 -7.81
CA GLU A 83 -2.02 -26.68 -6.37
C GLU A 83 -1.27 -27.66 -5.49
N LYS A 84 -1.10 -27.28 -4.20
CA LYS A 84 -0.36 -28.10 -3.23
C LYS A 84 1.05 -28.47 -3.80
N LEU A 85 1.63 -27.49 -4.49
CA LEU A 85 2.90 -27.58 -5.22
C LEU A 85 4.14 -27.79 -4.38
N GLU A 86 5.04 -28.66 -4.86
CA GLU A 86 6.29 -28.96 -4.15
C GLU A 86 7.23 -27.77 -4.14
N ASP A 87 7.42 -27.12 -5.29
CA ASP A 87 8.31 -25.95 -5.35
C ASP A 87 7.56 -24.78 -5.94
N MET A 88 7.36 -23.77 -5.10
CA MET A 88 6.62 -22.56 -5.45
C MET A 88 7.35 -21.68 -6.40
N ALA A 89 8.62 -21.95 -6.64
CA ALA A 89 9.37 -21.10 -7.55
C ALA A 89 8.78 -21.29 -8.93
N ASN A 90 8.35 -22.52 -9.20
CA ASN A 90 7.70 -22.88 -10.46
C ASN A 90 6.26 -22.46 -10.45
N MET A 91 5.99 -21.18 -10.23
CA MET A 91 4.63 -20.72 -10.18
C MET A 91 4.41 -19.53 -11.07
N THR A 92 3.15 -19.37 -11.41
CA THR A 92 2.75 -18.25 -12.17
C THR A 92 2.48 -17.18 -11.13
N TYR A 93 1.72 -17.46 -10.07
CA TYR A 93 1.46 -16.28 -9.22
C TYR A 93 2.07 -16.15 -7.83
N LEU A 94 3.38 -16.25 -7.70
CA LEU A 94 3.99 -16.19 -6.39
C LEU A 94 3.84 -14.80 -5.79
N ASN A 95 2.63 -14.56 -5.31
CA ASN A 95 2.22 -13.33 -4.70
C ASN A 95 1.75 -13.72 -3.31
N GLU A 96 1.37 -12.71 -2.56
CA GLU A 96 0.77 -12.91 -1.22
C GLU A 96 -0.35 -13.99 -1.06
N ALA A 97 -1.53 -13.77 -1.63
CA ALA A 97 -2.66 -14.68 -1.49
C ALA A 97 -2.48 -16.02 -2.17
N SER A 98 -1.33 -16.23 -2.74
CA SER A 98 -1.08 -17.47 -3.45
C SER A 98 -0.16 -18.24 -2.56
N VAL A 99 0.88 -17.58 -2.05
CA VAL A 99 1.84 -18.23 -1.18
C VAL A 99 1.05 -18.77 0.02
N LEU A 100 0.39 -17.87 0.74
CA LEU A 100 -0.46 -18.20 1.89
C LEU A 100 -1.47 -19.33 1.61
N TYR A 101 -1.67 -19.66 0.34
CA TYR A 101 -2.60 -20.72 -0.01
C TYR A 101 -1.85 -22.02 -0.03
N ASN A 102 -1.17 -22.26 -1.13
CA ASN A 102 -0.39 -23.48 -1.31
C ASN A 102 0.04 -24.11 0.03
N LEU A 103 0.82 -23.39 0.82
CA LEU A 103 1.26 -23.89 2.13
C LEU A 103 0.07 -24.45 2.95
N ARG A 104 -0.91 -23.59 3.21
CA ARG A 104 -2.11 -23.97 3.95
C ARG A 104 -2.63 -25.28 3.39
N SER A 105 -2.77 -25.33 2.08
CA SER A 105 -3.27 -26.53 1.45
C SER A 105 -2.42 -27.73 1.85
N ARG A 106 -1.10 -27.58 1.77
CA ARG A 106 -0.17 -28.65 2.12
C ARG A 106 -0.15 -28.93 3.63
N TYR A 107 -0.09 -27.87 4.45
CA TYR A 107 -0.09 -28.02 5.92
C TYR A 107 -1.32 -28.82 6.37
N THR A 108 -2.50 -28.27 6.08
CA THR A 108 -3.76 -28.93 6.39
C THR A 108 -3.79 -30.38 5.83
N SER A 109 -2.82 -30.70 4.97
CA SER A 109 -2.80 -32.02 4.38
C SER A 109 -1.66 -32.92 4.84
N GLY A 110 -0.98 -32.56 5.91
CA GLY A 110 0.12 -33.42 6.37
C GLY A 110 1.51 -33.31 5.73
N LEU A 111 1.84 -32.15 5.20
CA LEU A 111 3.16 -31.93 4.63
C LEU A 111 3.59 -30.69 5.40
N ILE A 112 4.85 -30.51 5.69
CA ILE A 112 5.20 -29.32 6.43
C ILE A 112 6.27 -28.62 5.63
N TYR A 113 6.97 -29.45 4.90
CA TYR A 113 8.05 -28.99 4.11
C TYR A 113 7.63 -28.64 2.70
N THR A 114 8.15 -27.51 2.23
CA THR A 114 7.95 -26.99 0.87
C THR A 114 9.15 -26.09 0.43
N TYR A 115 9.37 -25.93 -0.89
CA TYR A 115 10.44 -25.06 -1.36
C TYR A 115 9.93 -23.92 -2.27
N SER A 116 10.64 -22.79 -2.20
CA SER A 116 10.32 -21.63 -2.98
C SER A 116 11.67 -21.06 -3.40
N GLY A 117 12.13 -21.48 -4.57
CA GLY A 117 13.36 -20.95 -5.06
C GLY A 117 14.36 -21.60 -4.14
N LEU A 118 15.46 -20.94 -3.74
CA LEU A 118 16.44 -21.56 -2.84
C LEU A 118 16.11 -21.31 -1.36
N PHE A 119 14.83 -21.47 -1.03
CA PHE A 119 14.31 -21.28 0.31
C PHE A 119 13.39 -22.47 0.78
N CYS A 120 13.71 -22.99 1.98
CA CYS A 120 13.00 -24.09 2.66
C CYS A 120 11.82 -23.69 3.52
N ILE A 121 10.72 -24.45 3.44
CA ILE A 121 9.52 -24.06 4.14
C ILE A 121 8.91 -25.17 4.94
N ALA A 122 9.02 -25.05 6.23
CA ALA A 122 8.44 -25.98 7.18
C ALA A 122 7.64 -25.12 8.16
N VAL A 123 6.32 -25.26 8.07
CA VAL A 123 5.43 -24.53 8.94
C VAL A 123 5.24 -25.51 10.08
N ASN A 124 5.70 -25.15 11.30
CA ASN A 124 5.64 -26.00 12.53
C ASN A 124 4.34 -26.76 12.91
N PRO A 125 4.38 -28.11 12.91
CA PRO A 125 3.27 -29.02 13.24
C PRO A 125 3.45 -29.32 14.69
N TYR A 126 2.55 -28.91 15.54
CA TYR A 126 2.76 -29.11 16.95
C TYR A 126 2.72 -30.51 17.56
N ARG A 127 2.55 -31.50 16.70
CA ARG A 127 2.56 -32.88 17.17
C ARG A 127 3.78 -33.60 16.59
N ARG A 128 4.06 -34.82 17.06
CA ARG A 128 5.20 -35.62 16.60
C ARG A 128 4.86 -36.21 15.25
N LEU A 129 5.88 -36.61 14.50
CA LEU A 129 5.64 -37.16 13.15
C LEU A 129 6.63 -38.24 12.64
N PRO A 130 6.11 -39.29 11.97
CA PRO A 130 6.85 -40.43 11.41
C PRO A 130 7.87 -40.16 10.32
N ILE A 131 7.88 -38.96 9.83
CA ILE A 131 8.83 -38.59 8.82
C ILE A 131 10.31 -38.84 9.16
N TYR A 132 10.69 -39.29 10.36
CA TYR A 132 12.14 -39.40 10.60
C TYR A 132 12.90 -40.74 10.62
N THR A 133 12.17 -41.83 10.48
CA THR A 133 12.69 -43.23 10.39
C THR A 133 13.91 -43.46 9.44
N ASP A 134 14.87 -44.25 9.91
CA ASP A 134 16.04 -44.49 9.08
C ASP A 134 15.61 -44.94 7.67
N SER A 135 14.44 -45.57 7.59
CA SER A 135 14.00 -46.10 6.33
C SER A 135 14.03 -44.93 5.40
N VAL A 136 13.32 -43.88 5.84
CA VAL A 136 13.17 -42.65 5.07
C VAL A 136 14.51 -42.06 4.80
N ILE A 137 15.28 -41.88 5.87
CA ILE A 137 16.63 -41.35 5.72
C ILE A 137 17.28 -42.04 4.53
N ALA A 138 17.23 -43.37 4.54
CA ALA A 138 17.84 -44.17 3.46
C ALA A 138 17.28 -43.77 2.12
N LYS A 139 15.95 -43.72 2.09
CA LYS A 139 15.24 -43.36 0.87
C LYS A 139 15.68 -41.99 0.37
N TYR A 140 16.55 -41.34 1.15
CA TYR A 140 16.99 -40.00 0.78
C TYR A 140 18.41 -39.80 0.26
N ARG A 141 19.40 -40.03 1.09
CA ARG A 141 20.78 -39.78 0.68
C ARG A 141 21.04 -40.07 -0.78
N GLY A 142 21.79 -39.17 -1.44
CA GLY A 142 22.13 -39.33 -2.83
C GLY A 142 21.06 -38.94 -3.82
N LYS A 143 19.88 -38.69 -3.30
CA LYS A 143 18.80 -38.32 -4.15
C LYS A 143 18.91 -36.89 -4.53
N ARG A 144 18.79 -36.70 -5.81
CA ARG A 144 18.83 -35.39 -6.41
C ARG A 144 17.54 -34.76 -5.97
N LYS A 145 17.56 -33.45 -5.87
CA LYS A 145 16.43 -32.69 -5.38
C LYS A 145 15.00 -32.86 -5.91
N THR A 146 14.87 -33.16 -7.18
CA THR A 146 13.61 -33.13 -7.90
C THR A 146 12.80 -34.37 -7.95
N GLU A 147 13.26 -35.37 -7.23
CA GLU A 147 12.60 -36.66 -7.27
C GLU A 147 11.71 -36.93 -6.08
N ILE A 148 12.38 -37.00 -4.95
CA ILE A 148 11.77 -37.27 -3.67
C ILE A 148 10.98 -36.08 -3.15
N PRO A 149 9.81 -36.34 -2.55
CA PRO A 149 9.04 -35.21 -2.01
C PRO A 149 9.88 -34.43 -1.02
N PRO A 150 9.52 -33.17 -0.83
CA PRO A 150 10.14 -32.20 0.06
C PRO A 150 10.28 -32.60 1.54
N HIS A 151 11.54 -32.59 2.02
CA HIS A 151 11.88 -32.96 3.37
C HIS A 151 13.23 -32.33 3.71
N LEU A 152 13.36 -31.84 4.95
CA LEU A 152 14.60 -31.26 5.43
C LEU A 152 15.74 -32.20 5.03
N PHE A 153 15.42 -33.50 5.03
CA PHE A 153 16.38 -34.53 4.68
C PHE A 153 16.98 -34.19 3.35
N SER A 154 16.16 -34.23 2.31
CA SER A 154 16.58 -33.94 0.94
C SER A 154 17.61 -32.84 0.94
N VAL A 155 17.29 -31.77 1.66
CA VAL A 155 18.17 -30.59 1.77
C VAL A 155 19.42 -30.97 2.53
N ALA A 156 19.27 -31.34 3.81
CA ALA A 156 20.41 -31.74 4.64
C ALA A 156 21.40 -32.58 3.83
N ASP A 157 20.88 -33.47 3.02
CA ASP A 157 21.69 -34.29 2.14
C ASP A 157 22.56 -33.54 1.08
N ASN A 158 21.86 -32.87 0.14
CA ASN A 158 22.51 -32.23 -0.98
C ASN A 158 23.62 -31.29 -0.55
N ALA A 159 23.62 -30.84 0.81
CA ALA A 159 24.65 -29.94 1.32
C ALA A 159 25.98 -30.68 1.33
N TYR A 160 25.94 -32.00 1.51
CA TYR A 160 27.14 -32.85 1.54
C TYR A 160 27.38 -33.33 0.12
N GLN A 161 26.25 -33.65 -0.48
CA GLN A 161 26.33 -34.07 -1.85
C GLN A 161 27.25 -33.01 -2.43
N ASN A 162 26.97 -31.75 -2.06
CA ASN A 162 27.71 -30.56 -2.50
C ASN A 162 29.02 -30.29 -1.76
N MET A 163 29.13 -30.64 -0.48
CA MET A 163 30.39 -30.41 0.19
C MET A 163 31.53 -31.15 -0.53
N VAL A 164 31.35 -32.45 -0.78
CA VAL A 164 32.36 -33.29 -1.44
C VAL A 164 32.83 -32.79 -2.77
N THR A 165 31.96 -33.07 -3.74
CA THR A 165 32.21 -32.75 -5.12
C THR A 165 32.63 -31.33 -5.33
N ASP A 166 31.85 -30.35 -4.88
CA ASP A 166 32.35 -29.02 -5.13
C ASP A 166 33.55 -28.71 -4.23
N ARG A 167 33.76 -29.51 -3.18
CA ARG A 167 34.90 -29.32 -2.29
C ARG A 167 34.99 -28.06 -1.43
N GLU A 168 33.90 -27.59 -0.87
CA GLU A 168 34.08 -26.44 -0.05
C GLU A 168 33.07 -26.60 1.03
N ASN A 169 33.22 -25.77 2.04
CA ASN A 169 32.33 -25.75 3.21
C ASN A 169 30.93 -25.27 2.79
N GLN A 170 29.92 -25.77 3.42
CA GLN A 170 28.59 -25.27 3.14
C GLN A 170 28.11 -24.81 4.52
N SER A 171 27.11 -23.90 4.54
CA SER A 171 26.48 -23.46 5.78
C SER A 171 24.95 -23.63 5.69
N CYS A 172 24.32 -23.89 6.80
CA CYS A 172 22.92 -24.01 6.77
C CYS A 172 22.16 -23.16 7.81
N LEU A 173 21.69 -22.00 7.36
CA LEU A 173 20.96 -21.07 8.18
C LEU A 173 19.47 -21.38 8.24
N ILE A 174 19.06 -21.80 9.44
CA ILE A 174 17.67 -22.14 9.75
C ILE A 174 17.09 -21.04 10.62
N THR A 175 16.06 -20.38 10.04
CA THR A 175 15.40 -19.26 10.68
C THR A 175 13.89 -19.27 10.57
N GLY A 176 13.35 -18.34 11.34
CA GLY A 176 11.93 -18.10 11.45
C GLY A 176 11.73 -17.31 12.73
N GLU A 177 10.48 -17.23 13.19
CA GLU A 177 10.17 -16.53 14.46
C GLU A 177 10.47 -17.41 15.70
N SER A 178 9.91 -17.05 16.87
CA SER A 178 10.10 -17.83 18.10
C SER A 178 9.06 -18.96 18.20
N GLY A 179 9.53 -20.16 18.45
CA GLY A 179 8.55 -21.26 18.53
C GLY A 179 8.11 -21.70 17.13
N ALA A 180 8.98 -21.26 16.22
CA ALA A 180 8.87 -21.53 14.80
C ALA A 180 9.38 -22.94 14.51
N GLY A 181 10.60 -23.28 14.93
CA GLY A 181 11.06 -24.63 14.71
C GLY A 181 12.53 -24.58 14.46
N LYS A 182 13.10 -23.37 14.61
CA LYS A 182 14.53 -23.36 14.30
C LYS A 182 15.31 -24.47 15.05
N THR A 183 15.14 -24.35 16.37
CA THR A 183 15.84 -25.17 17.30
C THR A 183 15.42 -26.59 17.11
N GLU A 184 14.16 -26.84 16.82
CA GLU A 184 13.75 -28.24 16.62
C GLU A 184 14.22 -28.99 15.34
N ASN A 185 14.74 -28.24 14.37
CA ASN A 185 15.22 -28.85 13.12
C ASN A 185 16.71 -28.93 13.14
N THR A 186 17.33 -27.84 13.59
CA THR A 186 18.77 -27.80 13.75
C THR A 186 19.24 -29.18 14.27
N LYS A 187 18.43 -29.71 15.19
CA LYS A 187 18.69 -30.99 15.81
C LYS A 187 18.41 -32.07 14.78
N LYS A 188 17.14 -32.23 14.41
CA LYS A 188 16.77 -33.24 13.41
C LYS A 188 17.80 -33.33 12.32
N VAL A 189 18.50 -32.22 12.11
CA VAL A 189 19.55 -32.13 11.10
C VAL A 189 20.82 -32.89 11.48
N ILE A 190 21.40 -32.57 12.63
CA ILE A 190 22.63 -33.26 13.00
C ILE A 190 22.26 -34.72 13.12
N MET A 191 21.01 -34.98 13.51
CA MET A 191 20.40 -36.34 13.71
C MET A 191 20.39 -37.13 12.42
N TYR A 192 20.25 -36.42 11.30
CA TYR A 192 20.31 -37.07 9.97
C TYR A 192 21.77 -37.37 9.61
N LEU A 193 22.55 -36.34 9.37
CA LEU A 193 23.95 -36.46 9.05
C LEU A 193 24.55 -37.62 9.82
N ALA A 194 24.01 -37.90 10.99
CA ALA A 194 24.53 -38.95 11.81
C ALA A 194 24.42 -40.34 11.21
N LYS A 195 23.30 -40.59 10.53
CA LYS A 195 23.06 -41.94 10.08
C LYS A 195 23.76 -42.39 8.83
N VAL A 196 24.85 -41.72 8.53
CA VAL A 196 25.66 -42.10 7.39
C VAL A 196 27.06 -42.60 7.82
N ALA A 197 27.41 -42.56 9.12
CA ALA A 197 28.73 -43.07 9.58
C ALA A 197 28.75 -44.16 10.64
N CYS A 198 29.56 -45.18 10.41
CA CYS A 198 29.69 -46.34 11.32
C CYS A 198 30.76 -47.29 10.78
N ALA A 199 31.27 -48.16 11.64
CA ALA A 199 32.44 -49.01 11.30
C ALA A 199 32.25 -50.49 11.03
N VAL A 200 33.24 -51.12 10.37
CA VAL A 200 33.23 -52.57 10.04
C VAL A 200 34.59 -53.14 9.54
N GLY A 213 28.73 -42.89 22.98
CA GLY A 213 28.36 -44.28 22.81
C GLY A 213 28.70 -44.66 21.39
N SER A 214 29.16 -43.65 20.65
CA SER A 214 29.55 -43.68 19.24
C SER A 214 29.81 -42.17 19.18
N LEU A 215 30.96 -41.73 18.71
CA LEU A 215 31.18 -40.26 18.68
C LEU A 215 29.97 -39.50 18.13
N GLU A 216 29.21 -40.23 17.36
CA GLU A 216 27.99 -39.77 16.74
C GLU A 216 27.04 -39.56 17.90
N ASP A 217 26.80 -40.65 18.63
CA ASP A 217 25.85 -40.65 19.76
C ASP A 217 26.31 -39.77 20.89
N GLN A 218 27.55 -39.32 20.86
CA GLN A 218 28.04 -38.46 21.92
C GLN A 218 27.56 -37.06 21.59
N ILE A 219 27.72 -36.68 20.33
CA ILE A 219 27.31 -35.37 19.85
C ILE A 219 25.79 -35.13 20.03
N ILE A 220 25.00 -36.12 19.69
CA ILE A 220 23.58 -36.04 19.85
C ILE A 220 23.23 -35.62 21.29
N GLN A 221 24.07 -36.00 22.25
CA GLN A 221 23.77 -35.73 23.64
C GLN A 221 24.05 -34.31 24.05
N ALA A 222 24.98 -33.67 23.36
CA ALA A 222 25.39 -32.29 23.64
C ALA A 222 24.20 -31.34 23.75
N ASN A 223 23.04 -31.81 23.30
CA ASN A 223 21.86 -31.00 23.40
C ASN A 223 21.31 -31.04 24.84
N PRO A 224 20.78 -32.22 25.22
CA PRO A 224 20.22 -32.36 26.56
C PRO A 224 21.02 -31.60 27.57
N VAL A 225 22.31 -31.54 27.38
CA VAL A 225 23.14 -30.73 28.29
C VAL A 225 22.89 -29.18 28.26
N LEU A 226 23.21 -28.62 27.10
CA LEU A 226 23.08 -27.19 26.83
C LEU A 226 21.63 -26.78 26.83
N GLU A 227 20.75 -27.69 26.41
CA GLU A 227 19.32 -27.37 26.38
C GLU A 227 18.76 -27.31 27.81
N ALA A 228 19.35 -28.14 28.68
CA ALA A 228 18.97 -28.16 30.08
C ALA A 228 19.34 -26.79 30.65
N TYR A 229 20.62 -26.55 30.86
CA TYR A 229 21.06 -25.25 31.35
C TYR A 229 20.63 -23.99 30.57
N GLY A 230 20.66 -24.10 29.23
CA GLY A 230 20.41 -23.01 28.29
C GLY A 230 19.00 -22.59 27.96
N ASN A 231 18.17 -23.49 27.45
CA ASN A 231 16.76 -23.17 27.17
C ASN A 231 15.88 -22.79 28.36
N ALA A 232 14.61 -22.51 28.05
CA ALA A 232 13.64 -22.11 29.06
C ALA A 232 12.22 -21.95 28.48
N LYS A 233 11.20 -22.06 29.34
CA LYS A 233 9.80 -21.94 28.95
C LYS A 233 9.43 -20.48 28.81
N THR A 234 8.90 -20.12 27.63
CA THR A 234 8.48 -18.73 27.34
C THR A 234 6.99 -18.65 27.10
N THR A 235 6.38 -17.53 27.49
CA THR A 235 4.93 -17.34 27.27
C THR A 235 4.60 -17.90 25.90
N ARG A 236 5.50 -17.61 24.95
CA ARG A 236 5.35 -18.08 23.57
C ARG A 236 5.54 -19.61 23.46
N ASN A 237 6.80 -20.02 23.60
CA ASN A 237 7.20 -21.41 23.49
C ASN A 237 7.91 -21.88 24.76
N ASN A 238 7.45 -23.03 25.29
CA ASN A 238 7.98 -23.62 26.51
C ASN A 238 9.45 -24.03 26.43
N ASN A 239 10.05 -23.89 25.25
CA ASN A 239 11.44 -24.28 25.08
C ASN A 239 12.32 -23.27 24.33
N SER A 240 11.95 -21.99 24.37
CA SER A 240 12.75 -20.97 23.73
C SER A 240 14.27 -20.93 24.11
N SER A 241 15.16 -20.92 23.14
CA SER A 241 16.56 -20.87 23.40
C SER A 241 16.78 -19.54 24.14
N ARG A 242 18.03 -19.18 24.35
CA ARG A 242 18.43 -17.94 25.07
C ARG A 242 19.89 -17.61 24.78
N PHE A 243 20.46 -18.37 23.85
CA PHE A 243 21.83 -18.30 23.40
C PHE A 243 21.84 -18.57 21.89
N GLY A 244 22.86 -17.99 21.26
CA GLY A 244 22.94 -18.14 19.84
C GLY A 244 23.78 -19.36 19.68
N LYS A 245 23.30 -20.29 18.90
CA LYS A 245 24.15 -21.44 18.64
C LYS A 245 24.61 -21.51 17.16
N PHE A 246 25.81 -22.01 16.98
CA PHE A 246 26.40 -22.31 15.69
C PHE A 246 27.37 -23.53 15.83
N ILE A 247 26.82 -24.71 15.60
CA ILE A 247 27.63 -25.93 15.68
C ILE A 247 28.26 -26.17 14.33
N ARG A 248 29.56 -26.47 14.35
CA ARG A 248 30.26 -26.76 13.09
C ARG A 248 30.50 -28.25 13.06
N ILE A 249 30.35 -28.83 11.91
CA ILE A 249 30.53 -30.28 11.82
C ILE A 249 31.47 -30.63 10.70
N HIS A 250 32.73 -30.84 11.07
CA HIS A 250 33.78 -31.19 10.13
C HIS A 250 33.79 -32.65 9.76
N PHE A 251 34.67 -32.92 8.81
CA PHE A 251 34.86 -34.25 8.27
C PHE A 251 36.28 -34.51 7.84
N GLY A 252 36.43 -35.79 7.56
CA GLY A 252 37.64 -36.44 7.10
C GLY A 252 37.76 -36.37 5.60
N PRO A 253 38.96 -36.62 5.11
CA PRO A 253 38.82 -36.46 3.68
C PRO A 253 37.68 -37.32 3.14
N THR A 254 37.46 -38.47 3.77
CA THR A 254 36.50 -39.46 3.27
C THR A 254 35.51 -40.21 4.15
N GLY A 255 34.28 -39.80 4.38
CA GLY A 255 33.40 -40.73 5.08
C GLY A 255 32.24 -40.15 5.83
N LYS A 256 32.45 -40.19 7.13
CA LYS A 256 31.59 -39.61 8.16
C LYS A 256 32.51 -38.44 8.69
N ILE A 257 32.14 -37.82 9.77
CA ILE A 257 32.78 -36.74 10.43
C ILE A 257 34.16 -37.00 10.92
N ALA A 258 34.84 -35.92 11.10
CA ALA A 258 36.19 -35.93 11.64
C ALA A 258 36.05 -35.34 13.05
N GLY A 259 35.12 -34.39 13.18
CA GLY A 259 34.84 -33.73 14.42
C GLY A 259 33.69 -32.73 14.29
N ALA A 260 33.65 -31.79 15.23
CA ALA A 260 32.64 -30.75 15.25
C ALA A 260 33.01 -29.77 16.32
N ASP A 261 32.24 -28.69 16.47
CA ASP A 261 32.53 -27.77 17.55
C ASP A 261 31.33 -26.88 17.78
N ILE A 262 31.31 -26.19 18.90
CA ILE A 262 30.22 -25.27 19.14
C ILE A 262 30.60 -23.91 19.69
N GLU A 263 30.08 -22.85 19.08
CA GLU A 263 30.32 -21.51 19.60
C GLU A 263 28.93 -20.94 19.80
N THR A 264 28.58 -20.59 21.04
CA THR A 264 27.26 -20.05 21.36
C THR A 264 27.29 -18.52 21.42
N TYR A 265 26.10 -17.89 21.39
CA TYR A 265 26.01 -16.46 21.39
C TYR A 265 24.91 -15.82 22.23
N LEU A 266 25.39 -14.99 23.13
CA LEU A 266 24.62 -14.13 24.03
C LEU A 266 23.48 -14.62 24.92
N LEU A 267 23.74 -15.66 25.73
CA LEU A 267 22.72 -16.20 26.68
C LEU A 267 21.98 -15.06 27.43
N GLU A 268 20.74 -15.30 27.83
CA GLU A 268 20.00 -14.30 28.60
C GLU A 268 20.50 -14.50 30.03
N LYS A 269 21.14 -13.48 30.57
CA LYS A 269 21.65 -13.57 31.91
C LYS A 269 20.50 -13.21 32.78
N SER A 270 19.72 -12.25 32.33
CA SER A 270 18.54 -11.78 33.06
C SER A 270 17.70 -12.87 33.74
N ARG A 271 17.34 -13.92 33.02
CA ARG A 271 16.49 -15.01 33.54
C ARG A 271 16.80 -15.51 34.93
N VAL A 272 18.02 -16.02 35.09
CA VAL A 272 18.57 -16.57 36.33
C VAL A 272 17.93 -16.06 37.61
N THR A 273 17.72 -14.77 37.71
CA THR A 273 17.09 -14.18 38.87
C THR A 273 15.62 -13.73 38.66
N TYR A 274 15.24 -13.34 37.44
CA TYR A 274 13.87 -12.89 37.25
C TYR A 274 13.14 -13.73 36.25
N GLN A 275 11.90 -14.10 36.55
CA GLN A 275 11.13 -14.88 35.62
C GLN A 275 9.89 -14.11 35.26
N GLN A 276 9.81 -13.64 34.03
CA GLN A 276 8.60 -12.93 33.63
C GLN A 276 7.38 -13.76 34.04
N SER A 277 6.37 -13.15 34.65
CA SER A 277 5.18 -13.93 35.00
C SER A 277 4.81 -15.00 33.93
N ALA A 278 4.22 -16.12 34.37
CA ALA A 278 3.80 -17.21 33.48
C ALA A 278 4.95 -17.85 32.68
N GLU A 279 6.17 -17.55 33.12
CA GLU A 279 7.40 -18.01 32.51
C GLU A 279 8.37 -18.51 33.61
N ARG A 280 9.37 -19.29 33.23
CA ARG A 280 10.25 -19.77 34.28
C ARG A 280 11.72 -19.66 34.00
N ASN A 281 12.52 -20.07 34.95
CA ASN A 281 13.96 -20.07 34.80
C ASN A 281 14.42 -21.28 33.93
N TYR A 282 15.73 -21.40 33.81
CA TYR A 282 16.21 -22.47 33.00
C TYR A 282 15.75 -23.85 33.40
N HIS A 283 15.22 -24.64 32.49
CA HIS A 283 14.93 -26.05 32.80
C HIS A 283 15.74 -26.80 33.90
N ILE A 284 17.08 -26.85 33.89
CA ILE A 284 17.83 -27.56 34.95
C ILE A 284 17.31 -27.25 36.32
N PHE A 285 17.46 -25.99 36.72
CA PHE A 285 17.02 -25.51 38.03
C PHE A 285 15.79 -26.23 38.49
N TYR A 286 14.72 -26.15 37.73
CA TYR A 286 13.55 -26.90 38.15
C TYR A 286 13.73 -28.46 38.21
N GLN A 287 14.59 -29.00 37.37
CA GLN A 287 14.71 -30.43 37.29
C GLN A 287 15.65 -30.90 38.35
N ILE A 288 16.22 -29.95 39.08
CA ILE A 288 17.14 -30.26 40.18
C ILE A 288 16.39 -30.62 41.49
N CYS A 289 15.12 -30.20 41.59
CA CYS A 289 14.26 -30.39 42.71
C CYS A 289 13.10 -31.31 42.35
N SER A 290 13.34 -32.36 41.59
CA SER A 290 12.26 -33.28 41.18
C SER A 290 12.28 -34.65 41.83
N ASN A 291 13.41 -34.94 42.50
CA ASN A 291 13.77 -36.20 43.21
C ASN A 291 13.96 -37.43 42.29
N ALA A 292 14.82 -37.35 41.27
CA ALA A 292 15.06 -38.49 40.37
C ALA A 292 16.11 -39.46 40.94
N ILE A 293 17.12 -38.81 41.51
CA ILE A 293 18.26 -39.45 42.14
C ILE A 293 18.30 -38.67 43.44
N PRO A 294 17.62 -39.22 44.44
CA PRO A 294 17.56 -38.56 45.74
C PRO A 294 18.89 -38.61 46.43
N GLU A 295 19.81 -39.45 45.95
CA GLU A 295 21.07 -39.54 46.66
C GLU A 295 21.64 -38.13 46.71
N LEU A 296 21.38 -37.40 45.64
CA LEU A 296 21.94 -36.08 45.46
C LEU A 296 21.23 -34.98 46.21
N ASN A 297 19.99 -35.26 46.64
CA ASN A 297 19.26 -34.24 47.39
C ASN A 297 20.28 -33.69 48.35
N ASP A 298 20.95 -34.63 49.06
CA ASP A 298 21.98 -34.37 50.10
C ASP A 298 23.31 -33.87 49.51
N VAL A 299 23.59 -34.17 48.24
CA VAL A 299 24.81 -33.62 47.64
C VAL A 299 24.52 -32.11 47.36
N MET A 300 23.24 -31.86 47.12
CA MET A 300 22.73 -30.56 46.80
C MET A 300 22.29 -29.74 48.01
N LEU A 301 22.11 -30.35 49.16
CA LEU A 301 21.66 -29.56 50.29
C LEU A 301 20.37 -28.89 49.83
N VAL A 302 19.62 -29.60 49.04
CA VAL A 302 18.38 -29.05 48.54
C VAL A 302 17.15 -29.95 48.74
N THR A 303 16.07 -29.34 49.27
CA THR A 303 14.73 -29.97 49.51
C THR A 303 14.23 -29.87 48.08
N PRO A 304 13.84 -31.02 47.50
CA PRO A 304 13.36 -31.18 46.13
C PRO A 304 12.00 -30.56 45.82
N ASP A 305 11.65 -29.44 46.39
CA ASP A 305 10.38 -28.79 46.08
C ASP A 305 10.73 -27.48 45.38
N SER A 306 10.32 -27.47 44.11
CA SER A 306 10.47 -26.40 43.13
C SER A 306 9.94 -25.09 43.70
N GLY A 307 8.80 -25.28 44.34
CA GLY A 307 7.98 -24.27 44.95
C GLY A 307 8.57 -23.07 45.62
N LEU A 308 8.83 -23.18 46.91
CA LEU A 308 9.30 -21.97 47.55
C LEU A 308 10.75 -21.69 47.67
N TYR A 309 11.41 -21.86 46.53
CA TYR A 309 12.81 -21.39 46.32
C TYR A 309 12.46 -20.05 45.61
N SER A 310 13.36 -19.11 45.49
CA SER A 310 12.92 -17.84 44.91
C SER A 310 13.41 -17.42 43.58
N PHE A 311 14.65 -17.69 43.35
CA PHE A 311 15.27 -17.21 42.14
C PHE A 311 14.70 -17.89 40.94
N ILE A 312 13.82 -18.86 41.13
CA ILE A 312 13.31 -19.60 39.98
C ILE A 312 11.83 -19.84 39.99
N ASN A 313 11.01 -19.00 40.58
CA ASN A 313 9.58 -19.39 40.60
C ASN A 313 8.67 -18.20 40.46
N GLN A 314 9.09 -17.17 39.76
CA GLN A 314 8.23 -16.02 39.69
C GLN A 314 7.04 -16.39 38.86
N GLY A 315 7.24 -17.37 37.99
CA GLY A 315 6.17 -17.73 37.10
C GLY A 315 5.90 -19.18 37.23
N CYS A 316 5.17 -19.80 36.30
CA CYS A 316 4.88 -21.24 36.36
C CYS A 316 6.08 -22.06 36.89
N LEU A 317 5.79 -23.22 37.49
CA LEU A 317 6.85 -24.06 38.02
C LEU A 317 6.68 -25.39 37.32
N THR A 318 5.49 -25.57 36.77
CA THR A 318 5.14 -26.75 36.00
C THR A 318 5.05 -26.37 34.49
N VAL A 319 5.62 -27.22 33.64
CA VAL A 319 5.52 -27.04 32.18
C VAL A 319 4.71 -28.31 31.84
N ASP A 320 3.56 -28.15 31.24
CA ASP A 320 2.70 -29.30 31.03
C ASP A 320 3.34 -30.15 29.95
N ASN A 321 3.08 -31.44 30.01
CA ASN A 321 3.63 -32.36 29.02
C ASN A 321 5.14 -32.26 28.86
N ILE A 322 5.79 -31.98 30.00
CA ILE A 322 7.24 -31.89 30.14
C ILE A 322 7.63 -32.31 31.57
N ASP A 323 8.18 -33.54 31.65
CA ASP A 323 8.61 -34.23 32.88
C ASP A 323 10.00 -33.83 33.38
N ASP A 324 10.07 -33.23 34.58
CA ASP A 324 11.37 -32.80 35.12
C ASP A 324 12.29 -33.91 35.61
N VAL A 325 11.71 -35.02 36.02
CA VAL A 325 12.51 -36.14 36.52
C VAL A 325 13.10 -36.96 35.37
N GLU A 326 12.22 -37.41 34.47
CA GLU A 326 12.64 -38.20 33.36
C GLU A 326 13.73 -37.48 32.60
N GLU A 327 13.50 -36.22 32.22
CA GLU A 327 14.49 -35.47 31.44
C GLU A 327 15.74 -35.28 32.28
N PHE A 328 15.59 -34.87 33.52
CA PHE A 328 16.77 -34.72 34.37
C PHE A 328 17.61 -35.99 34.37
N LYS A 329 16.95 -37.10 34.56
CA LYS A 329 17.65 -38.36 34.54
C LYS A 329 18.39 -38.40 33.22
N LEU A 330 17.65 -38.11 32.14
CA LEU A 330 18.16 -38.17 30.78
C LEU A 330 19.34 -37.27 30.71
N CYS A 331 19.27 -36.16 31.44
CA CYS A 331 20.38 -35.16 31.49
C CYS A 331 21.62 -35.76 32.13
N ASP A 332 21.42 -36.31 33.34
CA ASP A 332 22.48 -37.03 34.10
C ASP A 332 23.05 -38.12 33.16
N GLU A 333 22.16 -39.02 32.73
CA GLU A 333 22.53 -40.11 31.82
C GLU A 333 23.42 -39.59 30.68
N ALA A 334 22.90 -38.59 29.95
CA ALA A 334 23.65 -38.01 28.85
C ALA A 334 25.00 -37.52 29.37
N PHE A 335 24.95 -36.55 30.29
CA PHE A 335 26.12 -35.94 30.89
C PHE A 335 27.32 -36.88 30.99
N ASP A 336 27.01 -38.16 31.25
CA ASP A 336 28.03 -39.22 31.39
C ASP A 336 28.66 -39.57 30.03
N ILE A 337 27.83 -40.03 29.09
CA ILE A 337 28.29 -40.38 27.77
C ILE A 337 29.17 -39.28 27.18
N LEU A 338 29.21 -38.13 27.85
CA LEU A 338 29.97 -36.98 27.34
C LEU A 338 31.36 -37.13 27.83
N GLY A 339 31.50 -38.22 28.49
CA GLY A 339 32.77 -38.49 29.11
C GLY A 339 33.02 -37.47 30.22
N PHE A 340 32.03 -37.17 31.03
CA PHE A 340 32.21 -36.27 32.15
C PHE A 340 32.51 -37.17 33.34
N THR A 341 33.54 -36.86 34.10
CA THR A 341 33.82 -37.72 35.26
C THR A 341 32.59 -37.74 36.19
N LYS A 342 32.60 -38.63 37.18
CA LYS A 342 31.52 -38.66 38.15
C LYS A 342 31.71 -37.34 38.89
N GLU A 343 32.96 -36.93 39.10
CA GLU A 343 33.27 -35.69 39.79
C GLU A 343 32.79 -34.50 38.98
N GLU A 344 33.28 -34.36 37.74
CA GLU A 344 32.88 -33.23 36.86
C GLU A 344 31.36 -33.16 36.80
N LYS A 345 30.79 -34.35 36.71
CA LYS A 345 29.36 -34.50 36.66
C LYS A 345 28.73 -33.76 37.82
N GLN A 346 29.20 -34.06 39.01
CA GLN A 346 28.66 -33.49 40.25
C GLN A 346 28.94 -32.01 40.51
N SER A 347 30.13 -31.64 40.12
CA SER A 347 30.77 -30.34 40.29
C SER A 347 30.03 -29.24 39.57
N MET A 348 29.07 -29.68 38.77
CA MET A 348 28.20 -28.79 38.04
C MET A 348 26.94 -28.56 38.86
N PHE A 349 26.26 -29.68 39.20
CA PHE A 349 24.98 -29.62 39.91
C PHE A 349 25.20 -28.73 41.09
N LYS A 350 26.34 -28.99 41.66
CA LYS A 350 26.78 -28.28 42.83
C LYS A 350 26.70 -26.79 42.62
N CYS A 351 27.41 -26.31 41.62
CA CYS A 351 27.46 -24.86 41.38
C CYS A 351 26.07 -24.32 41.19
N THR A 352 25.37 -25.04 40.34
CA THR A 352 24.00 -24.78 40.03
C THR A 352 23.09 -24.72 41.23
N ALA A 353 23.32 -25.53 42.24
CA ALA A 353 22.40 -25.51 43.36
C ALA A 353 22.61 -24.27 44.22
N SER A 354 23.89 -23.90 44.34
CA SER A 354 24.35 -22.73 45.12
C SER A 354 23.60 -21.45 44.82
N ILE A 355 23.18 -21.28 43.58
CA ILE A 355 22.34 -20.15 43.27
C ILE A 355 20.98 -20.35 43.96
N LEU A 356 20.41 -21.54 43.92
CA LEU A 356 19.11 -21.70 44.56
C LEU A 356 19.09 -21.09 45.96
N HIS A 357 20.24 -21.24 46.60
CA HIS A 357 20.40 -20.84 48.01
C HIS A 357 20.71 -19.39 48.22
N MET A 358 21.58 -18.86 47.38
CA MET A 358 21.94 -17.47 47.55
C MET A 358 20.76 -16.61 47.21
N GLY A 359 19.81 -17.21 46.50
CA GLY A 359 18.66 -16.39 46.17
C GLY A 359 17.87 -16.22 47.45
N GLU A 360 18.55 -16.52 48.54
CA GLU A 360 17.88 -16.53 49.83
C GLU A 360 18.34 -15.65 50.96
N MET A 361 19.61 -15.28 50.88
CA MET A 361 20.39 -14.54 51.91
C MET A 361 19.91 -13.18 52.44
N LYS A 362 18.97 -13.31 53.38
CA LYS A 362 18.25 -12.23 54.05
C LYS A 362 19.04 -11.21 54.77
N PHE A 363 18.38 -10.08 54.96
CA PHE A 363 19.06 -9.05 55.64
C PHE A 363 18.02 -8.32 56.45
N LYS A 364 18.50 -7.39 57.25
CA LYS A 364 17.50 -6.60 57.96
C LYS A 364 17.85 -5.13 57.96
N GLU A 370 19.24 -1.44 58.29
CA GLU A 370 20.59 -2.00 58.38
C GLU A 370 21.50 -2.03 57.11
N GLN A 371 22.76 -2.45 57.34
CA GLN A 371 23.87 -2.56 56.36
C GLN A 371 24.56 -3.83 56.76
N ALA A 372 23.87 -4.54 57.62
CA ALA A 372 24.52 -5.69 58.18
C ALA A 372 23.63 -6.87 58.31
N GLU A 373 22.47 -6.60 58.85
CA GLU A 373 21.60 -7.68 59.14
C GLU A 373 21.46 -8.81 58.19
N SER A 374 22.23 -9.83 58.49
CA SER A 374 22.14 -11.07 57.76
C SER A 374 21.29 -12.02 58.64
N ASP A 375 19.98 -11.77 58.63
CA ASP A 375 19.03 -12.58 59.38
C ASP A 375 19.44 -14.05 59.54
N GLY A 376 19.16 -14.84 58.53
CA GLY A 376 19.43 -16.25 58.57
C GLY A 376 20.75 -16.58 57.94
N THR A 377 21.83 -16.29 58.67
CA THR A 377 23.15 -16.63 58.15
C THR A 377 23.24 -18.16 58.20
N ALA A 378 22.06 -18.78 58.31
CA ALA A 378 21.93 -20.22 58.35
C ALA A 378 21.87 -20.87 56.96
N GLU A 379 21.54 -20.09 55.94
CA GLU A 379 21.44 -20.64 54.58
C GLU A 379 22.72 -20.19 53.94
N ALA A 380 22.90 -18.90 54.14
CA ALA A 380 24.00 -18.08 53.71
C ALA A 380 25.15 -18.85 54.27
N GLU A 381 24.92 -19.63 55.31
CA GLU A 381 25.99 -20.48 55.91
C GLU A 381 26.45 -21.38 54.79
N LYS A 382 25.41 -22.02 54.26
CA LYS A 382 25.42 -22.99 53.15
C LYS A 382 26.17 -22.73 51.83
N VAL A 383 26.42 -21.48 51.45
CA VAL A 383 27.05 -21.36 50.11
C VAL A 383 28.54 -21.74 50.10
N ALA A 384 29.00 -21.77 51.31
CA ALA A 384 30.39 -21.99 51.70
C ALA A 384 30.98 -23.34 51.40
N PHE A 385 30.17 -24.34 51.75
CA PHE A 385 30.50 -25.76 51.61
C PHE A 385 30.58 -26.09 50.13
N LEU A 386 29.69 -25.42 49.40
CA LEU A 386 29.54 -25.55 47.96
C LEU A 386 30.62 -24.91 47.11
N CYS A 387 31.06 -23.70 47.47
CA CYS A 387 32.14 -23.08 46.68
C CYS A 387 33.45 -23.47 47.27
N GLY A 388 33.43 -23.69 48.59
CA GLY A 388 34.63 -24.10 49.30
C GLY A 388 35.25 -22.84 49.84
N ILE A 389 34.39 -21.96 50.28
CA ILE A 389 34.84 -20.72 50.80
C ILE A 389 34.06 -20.59 52.03
N ASN A 390 34.74 -20.28 53.11
CA ASN A 390 33.98 -20.13 54.31
C ASN A 390 32.96 -19.05 54.07
N ALA A 391 31.69 -19.45 54.22
CA ALA A 391 30.58 -18.52 54.07
C ALA A 391 30.74 -17.29 54.97
N GLY A 392 31.12 -17.50 56.22
CA GLY A 392 31.31 -16.39 57.13
C GLY A 392 32.36 -15.42 56.64
N ASP A 393 33.43 -15.96 56.03
CA ASP A 393 34.49 -15.12 55.50
C ASP A 393 33.87 -14.22 54.41
N LEU A 394 33.05 -14.87 53.57
CA LEU A 394 32.35 -14.29 52.43
C LEU A 394 31.29 -13.27 52.78
N LEU A 395 30.54 -13.55 53.84
CA LEU A 395 29.46 -12.63 54.25
C LEU A 395 30.10 -11.43 54.91
N LYS A 396 31.34 -11.60 55.32
CA LYS A 396 32.05 -10.54 56.03
C LYS A 396 32.71 -9.56 55.09
N ALA A 397 33.47 -10.18 54.19
CA ALA A 397 34.27 -9.54 53.20
C ALA A 397 33.49 -8.81 52.15
N LEU A 398 32.15 -9.00 52.05
CA LEU A 398 31.43 -8.25 51.07
C LEU A 398 29.98 -8.12 51.51
N LEU A 399 29.66 -8.06 52.82
CA LEU A 399 28.27 -7.73 53.14
C LEU A 399 28.44 -6.22 52.85
N LYS A 400 29.36 -5.51 53.56
CA LYS A 400 29.78 -4.10 53.24
C LYS A 400 31.32 -4.01 53.16
N PRO A 401 32.00 -5.19 53.09
CA PRO A 401 33.47 -5.38 53.02
C PRO A 401 34.14 -4.84 51.80
N LYS A 402 35.47 -4.75 51.80
CA LYS A 402 36.26 -4.14 50.68
C LYS A 402 36.82 -4.67 49.39
N VAL A 403 37.54 -3.68 48.80
CA VAL A 403 38.29 -3.73 47.51
C VAL A 403 39.68 -3.04 47.55
N LYS A 404 40.33 -3.19 46.39
CA LYS A 404 41.68 -2.72 46.06
C LYS A 404 41.74 -1.36 45.41
N VAL A 405 42.96 -0.97 45.10
CA VAL A 405 43.22 0.36 44.54
C VAL A 405 44.07 0.43 43.28
N MET A 409 44.62 -1.93 49.03
CA MET A 409 43.20 -2.14 48.89
C MET A 409 42.47 -1.31 49.98
N VAL A 410 41.21 -0.92 49.76
CA VAL A 410 40.39 -0.19 50.73
C VAL A 410 39.05 -0.90 50.79
N THR A 411 38.19 -0.46 51.72
CA THR A 411 36.85 -0.99 52.03
C THR A 411 35.84 0.12 52.33
N LYS A 412 34.59 0.02 51.86
CA LYS A 412 33.52 1.03 52.16
C LYS A 412 32.07 0.45 52.19
N GLY A 413 31.44 0.57 53.36
CA GLY A 413 30.13 0.06 53.70
C GLY A 413 29.06 -0.56 52.83
N GLN A 414 29.32 -1.57 51.98
CA GLN A 414 28.17 -2.09 51.21
C GLN A 414 26.78 -2.16 51.97
N ASN A 415 25.84 -1.38 51.42
CA ASN A 415 24.41 -1.19 51.90
C ASN A 415 23.31 -2.21 51.51
N MET A 416 22.24 -2.32 52.33
CA MET A 416 21.18 -3.33 52.15
C MET A 416 20.56 -3.62 50.81
N ASN A 417 20.93 -2.91 49.77
CA ASN A 417 20.21 -3.05 48.51
C ASN A 417 21.04 -3.48 47.34
N GLN A 418 22.15 -2.78 47.12
CA GLN A 418 23.02 -3.14 46.00
C GLN A 418 23.47 -4.53 46.41
N VAL A 419 23.60 -4.63 47.71
CA VAL A 419 23.96 -5.87 48.39
C VAL A 419 23.06 -6.94 47.76
N VAL A 420 21.77 -6.65 47.80
CA VAL A 420 20.76 -7.53 47.19
C VAL A 420 20.98 -7.57 45.67
N ASN A 421 21.26 -6.38 45.12
CA ASN A 421 21.50 -6.24 43.73
C ASN A 421 22.97 -6.48 43.45
N SER A 422 23.72 -6.83 44.49
CA SER A 422 25.11 -7.22 44.22
C SER A 422 25.15 -8.76 44.41
N VAL A 423 24.10 -9.36 45.00
CA VAL A 423 24.02 -10.82 45.19
C VAL A 423 23.81 -11.52 43.83
N GLY A 424 22.88 -10.96 43.06
CA GLY A 424 22.58 -11.45 41.72
C GLY A 424 23.78 -11.16 40.82
N ALA A 425 24.53 -10.12 41.22
CA ALA A 425 25.76 -9.73 40.51
C ALA A 425 26.56 -11.03 40.40
N LEU A 426 26.59 -11.69 41.54
CA LEU A 426 27.23 -12.99 41.70
C LEU A 426 26.40 -14.11 41.09
N ALA A 427 25.08 -14.08 41.24
CA ALA A 427 24.32 -15.18 40.72
C ALA A 427 24.59 -15.37 39.24
N LYS A 428 24.19 -14.37 38.48
CA LYS A 428 24.31 -14.36 37.02
C LYS A 428 25.75 -14.33 36.50
N SER A 429 26.53 -13.42 37.07
CA SER A 429 27.93 -13.32 36.68
C SER A 429 28.64 -14.69 36.70
N LEU A 430 27.93 -15.68 37.19
CA LEU A 430 28.56 -16.96 37.22
C LEU A 430 27.82 -17.84 36.25
N TYR A 431 26.49 -17.87 36.32
CA TYR A 431 25.69 -18.78 35.49
C TYR A 431 26.18 -18.65 34.08
N ASP A 432 26.74 -17.49 33.80
CA ASP A 432 27.31 -17.25 32.47
C ASP A 432 28.71 -17.94 32.38
N ARG A 433 29.58 -17.72 33.38
CA ARG A 433 30.91 -18.32 33.40
C ARG A 433 30.79 -19.85 33.45
N MET A 434 29.69 -20.29 33.99
CA MET A 434 29.44 -21.70 34.10
C MET A 434 28.94 -22.23 32.77
N PHE A 435 27.97 -21.53 32.19
CA PHE A 435 27.41 -22.00 30.91
C PHE A 435 28.54 -22.07 29.90
N ASN A 436 29.30 -21.00 29.91
CA ASN A 436 30.48 -20.81 29.09
C ASN A 436 31.37 -22.02 29.19
N TRP A 437 31.50 -22.46 30.41
CA TRP A 437 32.48 -23.46 30.65
C TRP A 437 32.01 -24.75 30.12
N LEU A 438 30.76 -24.96 30.37
CA LEU A 438 30.11 -26.19 30.00
C LEU A 438 30.34 -26.41 28.54
N VAL A 439 30.00 -25.40 27.76
CA VAL A 439 30.12 -25.50 26.33
C VAL A 439 31.56 -25.70 25.91
N ARG A 440 32.45 -24.91 26.53
CA ARG A 440 33.86 -24.88 26.21
C ARG A 440 34.40 -26.25 26.45
N ARG A 441 33.84 -26.91 27.46
CA ARG A 441 34.15 -28.30 27.87
C ARG A 441 33.57 -29.34 26.88
N VAL A 442 32.39 -29.07 26.33
CA VAL A 442 31.80 -30.02 25.39
C VAL A 442 32.64 -30.05 24.12
N ASN A 443 33.09 -28.87 23.72
CA ASN A 443 33.90 -28.69 22.53
C ASN A 443 35.15 -29.54 22.75
N LYS A 444 35.58 -29.70 24.01
CA LYS A 444 36.76 -30.49 24.31
C LYS A 444 36.60 -31.98 24.03
N THR A 445 35.51 -32.61 24.44
CA THR A 445 35.35 -34.03 24.15
C THR A 445 34.88 -34.29 22.69
N LEU A 446 34.32 -33.27 22.04
CA LEU A 446 33.85 -33.43 20.68
C LEU A 446 35.00 -33.12 19.67
N ASP A 447 36.12 -32.68 20.21
CA ASP A 447 37.34 -32.32 19.47
C ASP A 447 38.40 -33.38 19.01
N THR A 448 38.04 -34.57 18.56
CA THR A 448 39.12 -35.43 18.08
C THR A 448 39.91 -34.62 17.03
N LYS A 449 41.24 -34.71 17.14
CA LYS A 449 42.11 -34.02 16.20
C LYS A 449 42.57 -34.86 15.00
N ALA A 450 41.62 -35.46 14.29
CA ALA A 450 41.91 -36.26 13.08
C ALA A 450 41.98 -35.30 11.87
N LYS A 451 42.36 -35.77 10.68
CA LYS A 451 42.48 -34.88 9.53
C LYS A 451 41.13 -34.29 9.21
N ARG A 452 41.04 -32.96 9.19
CA ARG A 452 39.81 -32.27 8.90
C ARG A 452 39.96 -31.49 7.63
N ASN A 453 38.92 -31.53 6.80
CA ASN A 453 38.91 -30.84 5.49
C ASN A 453 37.75 -29.86 5.22
N TYR A 454 36.52 -30.34 5.40
CA TYR A 454 35.37 -29.51 5.17
C TYR A 454 34.44 -29.58 6.36
N TYR A 455 33.50 -28.62 6.43
CA TYR A 455 32.45 -28.52 7.51
C TYR A 455 31.04 -28.03 7.13
N ILE A 456 30.06 -28.53 7.81
CA ILE A 456 28.71 -28.15 7.46
C ILE A 456 28.30 -27.35 8.67
N GLY A 457 28.41 -26.03 8.61
CA GLY A 457 28.03 -25.25 9.79
C GLY A 457 26.55 -24.99 9.90
N VAL A 458 25.95 -25.34 11.02
CA VAL A 458 24.53 -25.05 11.17
C VAL A 458 24.32 -23.95 12.21
N LEU A 459 23.56 -22.94 11.80
CA LEU A 459 23.25 -21.85 12.67
C LEU A 459 21.77 -21.90 13.06
N ASP A 460 21.56 -21.75 14.36
CA ASP A 460 20.25 -21.73 15.06
C ASP A 460 20.17 -20.50 16.00
N ILE A 461 20.13 -19.36 15.36
CA ILE A 461 20.15 -18.12 16.05
C ILE A 461 18.85 -17.42 15.99
N ALA A 462 18.91 -16.39 16.78
CA ALA A 462 17.78 -15.58 17.15
C ALA A 462 16.70 -15.16 16.19
N GLY A 463 16.97 -14.11 15.42
CA GLY A 463 15.98 -13.51 14.49
C GLY A 463 15.66 -12.03 14.89
N PHE A 464 14.74 -11.31 14.24
CA PHE A 464 14.47 -9.91 14.64
C PHE A 464 13.23 -9.80 15.56
N GLU A 465 13.35 -9.05 16.66
CA GLU A 465 12.23 -8.98 17.57
C GLU A 465 11.90 -7.56 17.98
N ILE A 466 10.60 -7.25 17.89
CA ILE A 466 10.09 -5.92 18.21
C ILE A 466 9.06 -6.09 19.30
N PHE A 467 9.37 -5.61 20.49
CA PHE A 467 8.46 -5.73 21.63
C PHE A 467 8.06 -4.37 22.14
N ASP A 468 7.13 -4.36 23.07
CA ASP A 468 6.64 -3.11 23.65
C ASP A 468 7.67 -2.43 24.56
N PHE A 469 8.89 -2.85 24.36
CA PHE A 469 9.99 -2.28 25.08
C PHE A 469 11.22 -2.96 24.58
N ASN A 470 12.14 -2.17 24.00
CA ASN A 470 13.35 -2.74 23.52
C ASN A 470 14.58 -1.93 23.91
N SER A 471 15.41 -2.48 24.81
CA SER A 471 16.66 -1.79 25.04
C SER A 471 17.77 -2.65 24.54
N PHE A 472 18.88 -2.35 25.15
CA PHE A 472 20.08 -2.98 24.82
C PHE A 472 20.06 -4.46 24.62
N GLU A 473 19.53 -5.29 25.51
CA GLU A 473 19.85 -6.70 25.15
C GLU A 473 19.25 -7.04 23.78
N GLN A 474 18.07 -6.48 23.72
CA GLN A 474 17.15 -6.59 22.65
C GLN A 474 17.61 -5.73 21.48
N LEU A 475 18.91 -5.43 21.36
CA LEU A 475 19.34 -4.61 20.23
C LEU A 475 20.28 -5.45 19.39
N CYS A 476 21.16 -6.15 20.11
CA CYS A 476 22.18 -6.97 19.51
C CYS A 476 21.58 -8.10 18.72
N ILE A 477 20.41 -8.57 19.15
CA ILE A 477 19.73 -9.63 18.42
C ILE A 477 19.46 -9.05 17.06
N ASN A 478 19.15 -7.76 17.06
CA ASN A 478 18.89 -7.03 15.83
C ASN A 478 20.21 -6.71 15.07
N TYR A 479 21.19 -6.16 15.77
CA TYR A 479 22.46 -5.85 15.12
C TYR A 479 23.04 -7.08 14.40
N THR A 480 22.90 -8.20 15.06
CA THR A 480 23.42 -9.46 14.53
C THR A 480 22.62 -9.90 13.33
N ASN A 481 21.36 -9.53 13.30
CA ASN A 481 20.58 -9.93 12.17
C ASN A 481 20.85 -9.11 10.96
N GLU A 482 21.02 -7.81 11.19
CA GLU A 482 21.24 -6.89 10.09
C GLU A 482 22.45 -7.45 9.36
N ARG A 483 23.50 -7.77 10.12
CA ARG A 483 24.70 -8.34 9.55
C ARG A 483 24.28 -9.58 8.76
N LEU A 484 23.33 -10.33 9.30
CA LEU A 484 22.77 -11.51 8.63
C LEU A 484 21.98 -11.20 7.33
N GLN A 485 21.57 -9.94 7.15
CA GLN A 485 20.85 -9.59 5.94
C GLN A 485 21.85 -9.36 4.79
N GLN A 486 23.00 -8.78 5.12
CA GLN A 486 24.05 -8.56 4.13
C GLN A 486 24.45 -9.89 3.50
N PHE A 487 24.56 -10.91 4.32
CA PHE A 487 24.94 -12.21 3.79
C PHE A 487 23.74 -12.74 3.05
N PHE A 488 22.56 -12.22 3.36
CA PHE A 488 21.36 -12.71 2.69
C PHE A 488 21.15 -12.24 1.28
N ASN A 489 21.23 -10.94 1.08
CA ASN A 489 21.01 -10.40 -0.23
C ASN A 489 22.36 -10.46 -0.89
N HIS A 490 23.39 -10.78 -0.11
CA HIS A 490 24.68 -10.89 -0.78
C HIS A 490 24.52 -12.00 -1.80
N HIS A 491 23.72 -13.00 -1.43
CA HIS A 491 23.42 -14.23 -2.18
C HIS A 491 22.22 -14.19 -3.06
N MET A 492 21.66 -13.01 -3.08
CA MET A 492 20.52 -12.79 -3.92
C MET A 492 21.05 -12.05 -5.16
N PHE A 493 21.88 -10.99 -4.96
CA PHE A 493 22.47 -10.16 -6.04
C PHE A 493 23.08 -11.12 -7.00
N ILE A 494 23.43 -12.24 -6.39
CA ILE A 494 24.05 -13.34 -7.03
C ILE A 494 23.00 -14.23 -7.62
N LEU A 495 21.84 -14.43 -7.00
CA LEU A 495 21.01 -15.34 -7.78
C LEU A 495 20.37 -14.46 -8.81
N GLU A 496 20.50 -13.18 -8.56
CA GLU A 496 19.90 -12.17 -9.43
C GLU A 496 20.60 -12.07 -10.76
N GLN A 497 21.91 -12.24 -10.73
CA GLN A 497 22.71 -12.18 -11.92
C GLN A 497 22.61 -13.56 -12.56
N GLU A 498 21.66 -14.38 -12.08
CA GLU A 498 21.40 -15.74 -12.57
C GLU A 498 20.34 -15.76 -13.68
N GLU A 499 19.91 -14.55 -14.05
CA GLU A 499 18.97 -14.35 -15.14
C GLU A 499 19.37 -13.04 -15.82
N TYR A 500 20.68 -12.82 -15.85
CA TYR A 500 21.40 -11.67 -16.46
C TYR A 500 22.31 -12.46 -17.32
N LYS A 501 21.98 -13.71 -17.24
CA LYS A 501 22.58 -14.82 -17.88
C LYS A 501 21.30 -15.46 -18.42
N LYS A 502 20.32 -15.89 -17.60
CA LYS A 502 19.10 -16.48 -18.20
C LYS A 502 18.43 -15.69 -19.37
N GLU A 503 18.22 -14.39 -19.18
CA GLU A 503 17.64 -13.43 -20.13
C GLU A 503 18.77 -12.48 -20.49
N GLY A 504 19.31 -12.75 -21.64
CA GLY A 504 20.48 -12.07 -22.15
C GLY A 504 20.58 -10.60 -21.93
N ILE A 505 21.05 -10.14 -20.78
CA ILE A 505 21.17 -8.71 -20.54
C ILE A 505 22.28 -8.42 -19.58
N ALA A 506 22.93 -7.32 -19.85
CA ALA A 506 23.98 -6.87 -19.00
C ALA A 506 23.36 -5.58 -18.52
N TRP A 507 23.45 -5.44 -17.22
CA TRP A 507 22.98 -4.26 -16.55
C TRP A 507 24.31 -3.67 -16.12
N GLU A 508 24.31 -2.52 -15.50
CA GLU A 508 25.60 -2.00 -15.14
C GLU A 508 26.25 -2.84 -14.04
N ASP A 511 23.21 -0.16 -2.14
CA ASP A 511 22.98 0.82 -3.22
C ASP A 511 21.49 0.75 -3.51
N PHE A 512 21.07 -0.51 -3.56
CA PHE A 512 19.79 -1.11 -3.84
C PHE A 512 19.29 -1.44 -2.42
N GLY A 513 20.07 -1.01 -1.46
CA GLY A 513 19.82 -1.25 -0.06
C GLY A 513 21.23 -0.94 0.40
N MET A 514 21.56 0.34 0.27
CA MET A 514 22.88 0.93 0.57
C MET A 514 22.89 1.79 1.82
N ASP A 515 21.81 1.71 2.56
CA ASP A 515 21.59 2.47 3.78
C ASP A 515 21.61 1.40 4.87
N LEU A 516 21.42 0.19 4.37
CA LEU A 516 21.43 -1.01 5.17
C LEU A 516 22.83 -1.01 5.81
N GLN A 517 23.86 -0.81 4.99
CA GLN A 517 25.23 -0.79 5.48
C GLN A 517 25.41 0.55 6.15
N MET A 518 24.38 1.39 6.01
CA MET A 518 24.39 2.72 6.62
C MET A 518 23.69 2.59 7.96
N CYS A 519 23.36 1.35 8.30
CA CYS A 519 22.73 1.04 9.57
C CYS A 519 23.85 0.27 10.24
N ILE A 520 24.26 -0.80 9.56
CA ILE A 520 25.34 -1.65 10.00
C ILE A 520 26.38 -0.68 10.52
N ASP A 521 26.83 0.21 9.63
CA ASP A 521 27.88 1.19 9.93
C ASP A 521 27.40 2.06 11.03
N LEU A 522 26.30 2.79 10.82
CA LEU A 522 25.74 3.63 11.89
C LEU A 522 25.94 3.06 13.31
N ILE A 523 25.73 1.74 13.44
CA ILE A 523 25.92 1.02 14.69
C ILE A 523 27.40 0.62 14.90
N GLU A 524 27.92 -0.33 14.12
CA GLU A 524 29.30 -0.81 14.27
C GLU A 524 30.47 0.12 13.89
N LYS A 525 30.23 1.09 13.01
CA LYS A 525 31.27 2.04 12.61
C LYS A 525 31.74 2.99 13.74
N PRO A 526 33.07 3.07 13.94
CA PRO A 526 33.97 3.80 14.87
C PRO A 526 33.51 5.06 15.57
N MET A 527 32.57 5.79 15.00
CA MET A 527 32.13 6.94 15.71
C MET A 527 30.68 6.67 16.04
N GLY A 528 30.40 5.37 16.21
CA GLY A 528 29.08 4.91 16.57
C GLY A 528 28.88 4.33 17.98
N ILE A 529 27.59 4.14 18.31
CA ILE A 529 27.12 3.61 19.59
C ILE A 529 28.15 2.67 20.22
N LEU A 530 28.43 1.60 19.50
CA LEU A 530 29.38 0.56 19.89
C LEU A 530 30.76 1.14 20.18
N SER A 531 31.31 1.85 19.19
CA SER A 531 32.62 2.46 19.31
C SER A 531 32.67 3.41 20.50
N ILE A 532 31.49 3.68 21.08
CA ILE A 532 31.31 4.58 22.22
C ILE A 532 30.84 3.95 23.54
N LEU A 533 29.76 3.18 23.55
CA LEU A 533 29.29 2.54 24.78
C LEU A 533 30.56 1.88 25.30
N GLU A 534 31.47 1.68 24.35
CA GLU A 534 32.76 1.08 24.59
C GLU A 534 33.71 2.21 24.93
N GLU A 535 33.61 3.31 24.19
CA GLU A 535 34.49 4.47 24.49
C GLU A 535 34.07 5.39 25.67
N GLU A 536 33.05 6.19 25.42
CA GLU A 536 32.53 7.07 26.47
C GLU A 536 31.87 6.22 27.56
N CYS A 537 32.65 5.39 28.18
CA CYS A 537 32.07 4.58 29.20
C CYS A 537 33.10 4.19 30.24
N LYS A 541 33.75 9.17 34.17
CA LYS A 541 32.72 10.03 34.83
C LYS A 541 31.30 9.77 34.28
N ALA A 542 31.15 8.51 33.88
CA ALA A 542 29.97 7.96 33.23
C ALA A 542 28.66 7.72 33.94
N ASP A 543 27.68 8.52 33.55
CA ASP A 543 26.28 8.37 34.00
C ASP A 543 25.44 8.46 32.67
N ASP A 544 24.13 8.33 32.77
CA ASP A 544 23.19 8.33 31.62
C ASP A 544 23.21 9.32 30.44
N LYS A 545 23.40 10.61 30.67
CA LYS A 545 23.30 11.55 29.59
C LYS A 545 24.68 11.94 29.20
N SER A 546 25.66 11.64 30.05
CA SER A 546 27.01 12.00 29.62
C SER A 546 27.10 11.28 28.26
N PHE A 547 26.54 10.08 28.33
CA PHE A 547 26.44 9.12 27.29
C PHE A 547 25.34 9.48 26.34
N GLN A 548 24.28 10.16 26.77
CA GLN A 548 23.21 10.33 25.76
C GLN A 548 23.39 11.46 24.76
N ASP A 549 24.21 12.39 25.22
CA ASP A 549 24.51 13.61 24.51
C ASP A 549 25.30 13.43 23.24
N LYS A 550 26.42 12.71 23.32
CA LYS A 550 27.28 12.52 22.14
C LYS A 550 26.49 11.99 20.95
N LEU A 551 25.72 10.93 21.22
CA LEU A 551 24.88 10.25 20.24
C LEU A 551 24.06 11.17 19.34
N TYR A 552 23.16 11.96 19.96
CA TYR A 552 22.31 12.89 19.24
C TYR A 552 23.11 13.97 18.50
N GLN A 553 24.05 14.57 19.22
CA GLN A 553 24.90 15.61 18.68
C GLN A 553 25.72 15.14 17.49
N ASN A 554 26.15 13.88 17.48
CA ASN A 554 27.00 13.43 16.37
C ASN A 554 26.34 12.88 15.10
N HIS A 555 25.80 11.66 15.09
CA HIS A 555 25.19 11.27 13.84
C HIS A 555 23.68 11.32 13.93
N MET A 556 23.21 12.03 14.95
CA MET A 556 21.80 12.21 15.14
C MET A 556 21.45 13.62 14.68
N GLY A 557 20.19 13.98 14.91
CA GLY A 557 19.70 15.24 14.42
C GLY A 557 19.67 15.02 12.91
N LYS A 558 20.85 14.73 12.35
CA LYS A 558 21.04 14.60 10.92
C LYS A 558 21.14 13.27 10.20
N ASN A 559 20.58 12.18 10.67
CA ASN A 559 20.70 10.94 9.86
C ASN A 559 19.30 10.43 9.48
N ARG A 560 19.17 9.81 8.30
CA ARG A 560 17.89 9.25 7.87
C ARG A 560 17.48 8.11 8.82
N MET A 561 18.43 7.20 9.06
CA MET A 561 18.25 6.05 9.95
C MET A 561 18.19 6.44 11.44
N PHE A 562 19.36 6.82 12.01
CA PHE A 562 19.45 7.26 13.41
C PHE A 562 18.73 8.58 13.67
N THR A 563 17.45 8.45 14.05
CA THR A 563 16.59 9.60 14.33
C THR A 563 15.96 9.55 15.72
N LYS A 564 15.26 10.62 16.09
CA LYS A 564 14.60 10.70 17.37
C LYS A 564 13.32 9.89 17.30
N PRO A 565 12.67 9.67 18.47
CA PRO A 565 11.42 8.90 18.55
C PRO A 565 10.14 9.65 18.18
N GLY A 566 9.01 9.01 18.52
CA GLY A 566 7.64 9.51 18.31
C GLY A 566 6.62 8.44 18.74
N LYS A 567 5.31 8.68 18.70
CA LYS A 567 4.36 7.63 19.11
C LYS A 567 3.44 7.03 18.01
N PRO A 568 3.71 5.80 17.60
CA PRO A 568 3.14 4.88 16.64
C PRO A 568 2.23 4.09 17.51
N THR A 569 1.98 4.57 18.74
CA THR A 569 1.10 3.90 19.64
C THR A 569 1.48 2.48 19.95
N ARG A 570 2.74 2.14 20.23
CA ARG A 570 2.90 0.71 20.54
C ARG A 570 1.79 0.50 21.65
N PRO A 571 0.93 -0.56 21.51
CA PRO A 571 -0.19 -0.88 22.44
C PRO A 571 -0.09 -1.13 23.95
N ASN A 572 0.52 -2.23 24.36
CA ASN A 572 0.69 -2.49 25.80
C ASN A 572 2.03 -1.89 26.06
N GLN A 573 2.45 -1.20 25.01
CA GLN A 573 3.75 -0.53 24.89
C GLN A 573 4.22 0.56 25.82
N GLY A 574 5.56 0.80 25.80
CA GLY A 574 6.20 1.78 26.69
C GLY A 574 7.47 2.60 26.37
N PRO A 575 8.22 3.06 27.41
CA PRO A 575 9.46 3.87 27.42
C PRO A 575 10.71 3.55 26.58
N ALA A 576 11.22 4.59 25.88
CA ALA A 576 12.40 4.58 24.96
C ALA A 576 13.15 5.96 24.95
N HIS A 577 14.23 6.12 24.18
CA HIS A 577 14.97 7.39 24.14
C HIS A 577 15.38 7.73 22.72
N PHE A 578 15.57 6.66 21.94
CA PHE A 578 15.99 6.67 20.51
C PHE A 578 15.18 5.68 19.62
N GLU A 579 15.12 5.93 18.30
CA GLU A 579 14.41 5.06 17.34
C GLU A 579 15.45 4.70 16.27
N LEU A 580 15.10 3.91 15.23
CA LEU A 580 16.10 3.50 14.25
C LEU A 580 15.50 2.50 13.29
N HIS A 581 16.05 2.42 12.07
CA HIS A 581 15.52 1.49 11.07
C HIS A 581 16.41 0.28 10.74
N HIS A 582 15.75 -0.87 10.59
CA HIS A 582 16.42 -2.17 10.30
C HIS A 582 15.64 -2.81 9.15
N TYR A 583 16.21 -3.76 8.41
CA TYR A 583 15.45 -4.34 7.28
C TYR A 583 14.21 -5.13 7.73
N ALA A 584 13.58 -4.63 8.79
CA ALA A 584 12.39 -5.22 9.35
C ALA A 584 11.48 -4.08 9.82
N GLY A 585 12.00 -2.86 9.78
CA GLY A 585 11.20 -1.75 10.20
C GLY A 585 12.04 -1.12 11.26
N ASN A 586 11.38 -0.28 12.04
CA ASN A 586 12.10 0.44 13.07
C ASN A 586 11.77 -0.08 14.48
N VAL A 587 12.50 0.40 15.50
CA VAL A 587 12.25 -0.01 16.86
C VAL A 587 12.88 0.94 17.83
N PRO A 588 12.05 1.54 18.70
CA PRO A 588 12.38 2.52 19.75
C PRO A 588 13.16 1.98 20.94
N TYR A 589 14.42 2.40 21.05
CA TYR A 589 15.29 1.94 22.13
C TYR A 589 15.36 2.90 23.32
N SER A 590 16.00 2.46 24.41
CA SER A 590 16.21 3.26 25.64
C SER A 590 17.73 3.23 25.89
N ILE A 591 18.26 4.06 26.79
CA ILE A 591 19.70 4.02 27.07
C ILE A 591 19.98 3.98 28.57
N THR A 592 18.91 3.84 29.35
CA THR A 592 18.98 3.80 30.82
C THR A 592 19.89 2.73 31.44
N GLY A 593 20.92 3.18 32.17
CA GLY A 593 21.87 2.30 32.84
C GLY A 593 22.57 1.20 32.06
N TRP A 594 23.07 1.56 30.88
CA TRP A 594 23.73 0.60 29.98
C TRP A 594 25.19 0.48 30.24
N LEU A 595 25.81 1.61 30.51
CA LEU A 595 27.25 1.57 30.77
C LEU A 595 27.56 0.51 31.85
N GLU A 596 26.51 0.13 32.57
CA GLU A 596 26.64 -0.90 33.59
C GLU A 596 26.04 -2.16 32.98
N LYS A 597 24.95 -1.98 32.23
CA LYS A 597 24.24 -3.08 31.60
C LYS A 597 25.21 -3.90 30.75
N ASN A 598 26.23 -3.23 30.22
CA ASN A 598 27.23 -3.92 29.38
C ASN A 598 28.26 -4.61 30.25
N LYS A 599 27.97 -4.71 31.53
CA LYS A 599 28.96 -5.28 32.43
C LYS A 599 28.34 -6.00 33.58
N ASP A 600 29.20 -6.61 34.39
CA ASP A 600 28.65 -7.25 35.57
C ASP A 600 29.44 -6.85 36.80
N PRO A 601 28.75 -6.30 37.83
CA PRO A 601 29.33 -5.83 39.09
C PRO A 601 29.75 -6.86 40.10
N ILE A 602 30.44 -7.89 39.64
CA ILE A 602 30.89 -8.87 40.59
C ILE A 602 31.86 -8.12 41.52
N ASN A 603 31.39 -7.79 42.72
CA ASN A 603 32.12 -7.04 43.70
C ASN A 603 33.44 -7.71 43.97
N GLU A 604 34.44 -7.20 43.26
CA GLU A 604 35.85 -7.60 43.26
C GLU A 604 36.32 -8.60 44.33
N ASN A 605 36.30 -8.20 45.61
CA ASN A 605 36.76 -9.11 46.66
C ASN A 605 35.87 -10.35 46.84
N VAL A 606 34.56 -10.19 46.65
CA VAL A 606 33.66 -11.33 46.73
C VAL A 606 34.27 -12.30 45.75
N VAL A 607 34.63 -11.74 44.59
CA VAL A 607 35.28 -12.48 43.52
C VAL A 607 36.63 -12.93 44.04
N ALA A 608 37.53 -11.98 44.31
CA ALA A 608 38.86 -12.32 44.82
C ALA A 608 38.73 -13.48 45.80
N LEU A 609 37.80 -13.35 46.74
CA LEU A 609 37.56 -14.38 47.72
C LEU A 609 37.12 -15.63 47.01
N LEU A 610 36.30 -15.46 45.96
CA LEU A 610 35.81 -16.61 45.19
C LEU A 610 36.91 -17.02 44.24
N GLY A 611 37.58 -16.00 43.76
CA GLY A 611 38.69 -16.19 42.87
C GLY A 611 39.47 -17.36 43.41
N ALA A 612 40.06 -17.20 44.58
CA ALA A 612 40.81 -18.30 45.13
C ALA A 612 39.94 -19.05 46.14
N SER A 613 39.42 -20.21 45.73
CA SER A 613 38.61 -21.07 46.59
C SER A 613 39.04 -22.47 46.24
N LYS A 614 38.50 -23.46 46.90
CA LYS A 614 38.90 -24.83 46.62
C LYS A 614 38.12 -25.62 45.57
N GLU A 615 36.91 -25.20 45.20
CA GLU A 615 36.14 -25.97 44.18
C GLU A 615 36.60 -25.68 42.73
N PRO A 616 37.43 -26.57 42.16
CA PRO A 616 37.95 -26.39 40.80
C PRO A 616 37.15 -25.50 39.87
N LEU A 617 35.94 -25.93 39.53
CA LEU A 617 35.13 -25.17 38.61
C LEU A 617 35.08 -23.75 39.10
N VAL A 618 34.70 -23.57 40.36
CA VAL A 618 34.59 -22.24 40.97
C VAL A 618 35.89 -21.45 40.88
N ALA A 619 36.97 -22.02 41.38
CA ALA A 619 38.27 -21.37 41.37
C ALA A 619 38.71 -21.02 39.95
N GLU A 620 38.46 -21.95 39.02
CA GLU A 620 38.83 -21.73 37.64
C GLU A 620 37.94 -20.63 37.09
N LEU A 621 36.62 -20.77 37.26
CA LEU A 621 35.63 -19.77 36.80
C LEU A 621 35.89 -18.30 37.22
N PHE A 622 36.85 -18.11 38.13
CA PHE A 622 37.23 -16.81 38.61
C PHE A 622 38.74 -16.62 38.68
N LYS A 623 39.54 -17.20 37.78
CA LYS A 623 41.00 -17.02 37.81
C LYS A 623 41.54 -15.59 37.55
N ALA A 624 42.60 -15.22 38.30
CA ALA A 624 43.36 -13.94 38.13
C ALA A 624 43.83 -14.15 36.68
N PRO A 625 44.21 -13.08 35.97
CA PRO A 625 44.56 -13.23 34.58
C PRO A 625 45.68 -13.97 34.12
N GLU A 626 46.09 -13.72 32.88
CA GLU A 626 47.37 -14.26 32.39
C GLU A 626 48.12 -13.74 33.66
N GLU A 627 48.02 -12.42 33.91
CA GLU A 627 48.42 -11.88 35.19
C GLU A 627 47.76 -10.57 35.65
N PRO A 628 47.46 -10.48 36.95
CA PRO A 628 46.88 -9.31 37.67
C PRO A 628 47.57 -8.01 38.10
N ALA A 629 48.83 -7.95 38.59
CA ALA A 629 49.24 -6.68 39.22
C ALA A 629 50.68 -6.27 39.42
N PHE A 642 40.56 -7.99 27.92
CA PHE A 642 39.27 -7.67 28.53
C PHE A 642 37.96 -7.31 27.74
N GLN A 643 36.90 -7.51 28.55
CA GLN A 643 35.42 -7.49 28.35
C GLN A 643 34.27 -6.51 28.75
N THR A 644 33.70 -5.86 27.75
CA THR A 644 32.48 -5.17 28.00
C THR A 644 31.84 -6.07 26.94
N ILE A 645 30.62 -6.49 27.21
CA ILE A 645 29.85 -7.40 26.39
C ILE A 645 29.98 -7.35 24.89
N SER A 646 30.56 -6.29 24.34
CA SER A 646 30.51 -6.24 22.89
C SER A 646 31.79 -6.60 22.30
N ALA A 647 32.83 -6.21 23.04
CA ALA A 647 34.19 -6.46 22.61
C ALA A 647 34.24 -7.91 22.23
N VAL A 648 33.37 -8.70 22.86
CA VAL A 648 33.37 -10.12 22.58
C VAL A 648 32.37 -10.43 21.52
N HIS A 649 31.23 -9.76 21.56
CA HIS A 649 30.20 -10.04 20.57
C HIS A 649 30.61 -9.51 19.22
N ARG A 650 31.11 -8.28 19.16
CA ARG A 650 31.49 -7.78 17.86
C ARG A 650 32.54 -8.81 17.38
N GLU A 651 33.38 -9.27 18.32
CA GLU A 651 34.47 -10.22 18.01
C GLU A 651 33.92 -11.57 17.58
N SER A 652 33.03 -12.08 18.43
CA SER A 652 32.31 -13.37 18.23
C SER A 652 31.61 -13.39 16.87
N LEU A 653 30.84 -12.31 16.62
CA LEU A 653 30.05 -12.11 15.39
C LEU A 653 30.91 -12.00 14.17
N ASN A 654 31.79 -11.01 14.17
CA ASN A 654 32.71 -10.84 13.05
C ASN A 654 33.16 -12.23 12.64
N LYS A 655 33.72 -12.98 13.60
CA LYS A 655 34.17 -14.35 13.38
C LYS A 655 33.08 -15.20 12.70
N LEU A 656 31.84 -15.06 13.17
CA LEU A 656 30.75 -15.83 12.59
C LEU A 656 30.71 -15.61 11.08
N MET A 657 30.44 -14.37 10.70
CA MET A 657 30.37 -13.96 9.29
C MET A 657 31.49 -14.56 8.45
N LYS A 658 32.72 -14.22 8.82
CA LYS A 658 33.92 -14.67 8.15
C LYS A 658 33.70 -16.06 7.62
N ASN A 659 33.27 -16.98 8.50
CA ASN A 659 33.08 -18.37 8.11
C ASN A 659 31.90 -18.66 7.22
N LEU A 660 30.84 -17.87 7.38
CA LEU A 660 29.66 -18.06 6.56
C LEU A 660 30.00 -17.84 5.10
N TYR A 661 30.87 -16.86 4.88
CA TYR A 661 31.27 -16.50 3.53
C TYR A 661 32.22 -17.56 3.06
N SER A 662 32.66 -18.42 3.96
CA SER A 662 33.56 -19.53 3.60
C SER A 662 32.70 -20.79 3.34
N THR A 663 31.43 -20.55 3.04
CA THR A 663 30.51 -21.63 2.88
C THR A 663 29.46 -21.36 1.85
N HIS A 664 29.02 -22.42 1.16
CA HIS A 664 27.92 -22.35 0.17
C HIS A 664 26.66 -22.55 1.02
N PRO A 665 26.03 -21.44 1.46
CA PRO A 665 24.84 -21.44 2.30
C PRO A 665 23.68 -22.14 1.70
N HIS A 666 22.72 -22.40 2.58
CA HIS A 666 21.41 -23.03 2.29
C HIS A 666 20.38 -22.48 3.29
N PHE A 667 19.29 -21.94 2.78
CA PHE A 667 18.37 -21.31 3.69
C PHE A 667 17.15 -22.11 4.02
N VAL A 668 16.79 -22.12 5.30
CA VAL A 668 15.60 -22.83 5.77
C VAL A 668 14.68 -21.84 6.46
N ARG A 669 13.40 -21.98 6.16
CA ARG A 669 12.41 -21.06 6.71
C ARG A 669 11.35 -21.70 7.57
N CYS A 670 11.31 -21.27 8.84
CA CYS A 670 10.37 -21.79 9.83
C CYS A 670 9.18 -20.86 10.10
N ILE A 671 7.99 -21.40 9.83
CA ILE A 671 6.77 -20.66 10.01
C ILE A 671 5.98 -21.14 11.21
N ILE A 672 5.55 -20.19 12.04
CA ILE A 672 4.71 -20.47 13.22
C ILE A 672 3.21 -20.47 12.77
N PRO A 673 2.70 -21.64 12.47
CA PRO A 673 1.34 -21.82 12.03
C PRO A 673 0.45 -20.92 12.77
N ASN A 674 0.48 -20.96 14.10
CA ASN A 674 -0.44 -20.12 14.92
C ASN A 674 -0.03 -19.84 16.39
N GLU A 675 -0.75 -18.97 17.06
CA GLU A 675 -0.37 -18.67 18.45
C GLU A 675 -0.69 -19.75 19.55
N LEU A 676 -1.53 -20.74 19.22
CA LEU A 676 -2.07 -21.72 20.19
C LEU A 676 -1.35 -23.02 20.50
N LYS A 677 -0.18 -23.19 19.94
CA LYS A 677 0.56 -24.41 20.19
C LYS A 677 -0.31 -25.61 19.80
N GLN A 678 -1.25 -25.38 18.91
CA GLN A 678 -2.12 -26.47 18.48
C GLN A 678 -1.74 -26.93 17.06
N PRO A 679 -1.52 -28.22 16.70
CA PRO A 679 -1.18 -28.64 15.32
C PRO A 679 -2.44 -28.62 14.40
N GLY A 680 -2.19 -28.31 13.10
CA GLY A 680 -3.24 -28.24 12.09
C GLY A 680 -3.92 -26.88 11.89
N LEU A 681 -3.83 -26.02 12.91
CA LEU A 681 -4.41 -24.70 12.91
C LEU A 681 -3.59 -23.71 12.10
N VAL A 682 -4.31 -22.81 11.44
CA VAL A 682 -3.70 -21.79 10.60
C VAL A 682 -4.13 -20.38 11.00
N ASP A 683 -3.17 -19.50 11.27
CA ASP A 683 -3.47 -18.14 11.67
C ASP A 683 -2.97 -17.21 10.58
N ALA A 684 -3.83 -17.05 9.58
CA ALA A 684 -3.52 -16.22 8.42
C ALA A 684 -2.71 -14.97 8.76
N GLU A 685 -3.30 -14.04 9.50
CA GLU A 685 -2.69 -12.76 9.90
C GLU A 685 -1.26 -12.89 10.37
N LEU A 686 -0.91 -14.06 10.88
CA LEU A 686 0.46 -14.23 11.34
C LEU A 686 1.34 -14.75 10.21
N VAL A 687 0.97 -15.85 9.57
CA VAL A 687 1.75 -16.44 8.47
C VAL A 687 2.30 -15.37 7.52
N LEU A 688 1.38 -14.49 7.12
CA LEU A 688 1.64 -13.41 6.24
C LEU A 688 2.66 -12.54 6.92
N HIS A 689 2.40 -12.04 8.12
CA HIS A 689 3.36 -11.15 8.75
C HIS A 689 4.78 -11.69 8.57
N GLN A 690 4.88 -13.00 8.70
CA GLN A 690 6.14 -13.66 8.55
C GLN A 690 6.60 -13.55 7.13
N LEU A 691 5.79 -13.99 6.17
CA LEU A 691 6.26 -13.86 4.76
C LEU A 691 6.64 -12.44 4.24
N GLN A 692 6.39 -11.43 5.08
CA GLN A 692 6.60 -10.04 4.74
C GLN A 692 8.04 -9.66 4.70
N CYS A 693 8.88 -10.28 5.47
CA CYS A 693 10.21 -9.86 5.31
C CYS A 693 11.24 -10.90 4.87
N ASN A 694 10.87 -12.11 4.47
CA ASN A 694 11.84 -13.15 4.06
C ASN A 694 12.06 -13.52 2.57
N GLY A 695 11.00 -14.06 1.89
CA GLY A 695 11.06 -14.45 0.47
C GLY A 695 10.13 -13.77 -0.55
N VAL A 696 9.24 -12.92 0.00
CA VAL A 696 8.21 -12.05 -0.70
C VAL A 696 8.24 -10.51 -0.33
N LEU A 697 7.57 -9.62 -1.17
CA LEU A 697 7.57 -8.13 -1.10
C LEU A 697 7.09 -7.40 0.22
N GLU A 698 7.32 -6.04 0.32
CA GLU A 698 6.82 -5.22 1.46
C GLU A 698 6.34 -3.83 1.08
N LYS A 705 15.36 -6.50 -1.56
CA LYS A 705 15.00 -5.12 -1.41
C LYS A 705 15.64 -4.24 -2.46
N GLY A 706 16.49 -3.24 -2.38
CA GLY A 706 16.64 -2.49 -3.68
C GLY A 706 16.89 -2.88 -5.16
N PHE A 707 16.30 -3.97 -5.71
CA PHE A 707 16.58 -4.51 -7.04
C PHE A 707 15.68 -4.06 -8.17
N PRO A 708 16.03 -4.46 -9.43
CA PRO A 708 15.35 -4.22 -10.70
C PRO A 708 13.99 -4.94 -10.81
N SER A 709 13.02 -4.15 -11.23
CA SER A 709 11.66 -4.63 -11.36
C SER A 709 11.37 -5.42 -12.62
N ARG A 710 11.63 -6.71 -12.56
CA ARG A 710 11.35 -7.61 -13.66
C ARG A 710 9.87 -7.55 -14.07
N LEU A 711 9.63 -7.56 -15.40
CA LEU A 711 8.28 -7.55 -16.03
C LEU A 711 8.16 -8.11 -17.48
N ILE A 712 7.22 -9.04 -17.67
CA ILE A 712 7.04 -9.63 -18.98
C ILE A 712 6.35 -8.64 -19.89
N TYR A 713 6.64 -8.75 -21.17
CA TYR A 713 6.04 -7.87 -22.17
C TYR A 713 4.53 -8.05 -22.16
N SER A 714 4.10 -9.30 -22.19
CA SER A 714 2.71 -9.63 -22.19
C SER A 714 1.94 -8.79 -21.18
N GLU A 715 2.65 -8.30 -20.20
CA GLU A 715 1.99 -7.50 -19.20
C GLU A 715 2.22 -6.03 -19.50
N PHE A 716 3.46 -5.64 -19.81
CA PHE A 716 3.84 -4.24 -20.11
C PHE A 716 2.89 -3.64 -21.11
N LYS A 717 2.30 -4.52 -21.89
CA LYS A 717 1.28 -4.12 -22.83
C LYS A 717 0.04 -3.66 -22.02
N GLN A 718 -0.87 -4.58 -21.66
CA GLN A 718 -2.07 -4.23 -20.91
C GLN A 718 -1.80 -3.23 -19.77
N ARG A 719 -0.55 -2.92 -19.55
CA ARG A 719 -0.21 -2.04 -18.46
C ARG A 719 -0.04 -0.65 -18.96
N TYR A 720 1.18 -0.31 -19.35
CA TYR A 720 1.43 1.06 -19.81
C TYR A 720 1.25 1.42 -21.30
N SER A 721 0.70 0.50 -22.08
CA SER A 721 0.49 0.72 -23.47
C SER A 721 -0.08 2.14 -23.69
N ILE A 722 -0.88 2.63 -22.77
CA ILE A 722 -1.48 3.96 -22.89
C ILE A 722 -0.52 5.17 -22.89
N LEU A 723 0.75 4.99 -22.56
CA LEU A 723 1.63 6.15 -22.48
C LEU A 723 2.30 6.43 -23.81
N ALA A 724 1.82 5.72 -24.83
CA ALA A 724 2.37 5.88 -26.17
C ALA A 724 1.40 5.25 -27.17
N PRO A 725 0.36 6.00 -27.57
CA PRO A 725 -0.61 5.46 -28.52
C PRO A 725 -0.36 5.30 -30.06
N ASN A 726 0.78 4.77 -30.49
CA ASN A 726 1.04 4.52 -31.94
C ASN A 726 1.59 3.09 -32.23
N ALA A 727 0.77 2.13 -32.70
CA ALA A 727 1.29 0.75 -32.91
C ALA A 727 0.90 -0.01 -34.20
N ILE A 728 -0.39 -0.30 -34.34
CA ILE A 728 -0.86 -0.97 -35.55
C ILE A 728 -1.71 0.08 -36.24
N ASP A 734 -0.96 -8.47 -31.06
CA ASP A 734 0.46 -8.76 -31.25
C ASP A 734 1.53 -8.08 -32.18
N GLY A 735 2.71 -8.47 -31.64
CA GLY A 735 4.08 -8.02 -31.93
C GLY A 735 4.69 -7.63 -30.54
N LYS A 736 5.30 -8.61 -29.85
CA LYS A 736 5.96 -8.60 -28.50
C LYS A 736 6.85 -7.43 -28.27
N THR A 737 6.98 -6.73 -29.36
CA THR A 737 7.76 -5.54 -29.47
C THR A 737 6.71 -4.49 -29.28
N VAL A 738 5.57 -4.82 -28.68
CA VAL A 738 4.64 -3.72 -28.72
C VAL A 738 5.12 -2.62 -27.85
N SER A 739 6.32 -2.66 -27.32
CA SER A 739 6.63 -1.59 -26.39
C SER A 739 7.92 -0.92 -26.63
N GLU A 740 8.77 -1.56 -27.43
CA GLU A 740 10.11 -1.01 -27.54
C GLU A 740 9.88 0.46 -27.82
N LYS A 741 8.77 0.61 -28.51
CA LYS A 741 8.27 1.87 -29.02
C LYS A 741 7.79 2.81 -27.95
N ILE A 742 6.97 2.28 -27.06
CA ILE A 742 6.42 3.08 -25.96
C ILE A 742 7.60 3.64 -25.21
N LEU A 743 8.59 2.77 -25.09
CA LEU A 743 9.81 3.12 -24.41
C LEU A 743 10.34 4.41 -25.04
N ALA A 744 10.83 4.30 -26.26
CA ALA A 744 11.37 5.46 -26.94
C ALA A 744 10.29 6.51 -27.00
N GLY A 745 9.08 6.05 -27.31
CA GLY A 745 7.96 6.95 -27.42
C GLY A 745 7.67 7.59 -26.09
N LEU A 746 8.74 7.99 -25.38
CA LEU A 746 8.58 8.60 -24.08
C LEU A 746 9.80 9.45 -23.82
N GLN A 747 10.85 9.18 -24.59
CA GLN A 747 12.08 9.91 -24.42
C GLN A 747 12.77 9.51 -23.10
N MET A 748 12.90 8.21 -22.81
CA MET A 748 13.63 7.79 -21.57
C MET A 748 15.18 7.60 -21.61
N ASP A 749 15.91 8.11 -20.58
CA ASP A 749 17.37 7.93 -20.41
C ASP A 749 17.34 6.47 -19.97
N PRO A 750 17.81 5.58 -20.86
CA PRO A 750 17.90 4.13 -20.77
C PRO A 750 19.04 3.40 -20.05
N ALA A 751 19.92 4.03 -19.25
CA ALA A 751 20.85 3.06 -18.67
C ALA A 751 19.79 2.41 -17.76
N GLU A 752 18.89 3.35 -17.38
CA GLU A 752 17.78 3.19 -16.46
C GLU A 752 16.89 1.99 -16.71
N TYR A 753 17.12 1.32 -17.85
CA TYR A 753 16.35 0.14 -18.18
C TYR A 753 17.11 -0.80 -19.10
N ARG A 754 16.67 -2.08 -19.15
CA ARG A 754 17.28 -3.13 -19.98
C ARG A 754 16.25 -4.10 -20.55
N LEU A 755 16.26 -4.25 -21.86
CA LEU A 755 15.29 -5.10 -22.52
C LEU A 755 15.80 -6.49 -22.75
N GLY A 756 15.55 -7.34 -21.77
CA GLY A 756 15.94 -8.75 -21.81
C GLY A 756 14.95 -9.39 -22.74
N THR A 757 14.88 -10.72 -22.79
CA THR A 757 13.93 -11.25 -23.74
C THR A 757 12.47 -11.27 -23.40
N THR A 758 12.02 -12.17 -22.56
CA THR A 758 10.61 -12.12 -22.47
C THR A 758 10.19 -11.15 -21.35
N LYS A 759 11.18 -10.52 -20.70
CA LYS A 759 10.90 -9.49 -19.66
C LYS A 759 11.73 -8.15 -19.69
N VAL A 760 11.36 -7.16 -18.86
CA VAL A 760 12.06 -5.84 -18.79
C VAL A 760 12.50 -5.43 -17.34
N PHE A 761 13.70 -4.86 -17.16
CA PHE A 761 14.17 -4.51 -15.82
C PHE A 761 14.45 -3.03 -15.67
N PHE A 762 13.78 -2.37 -14.72
CA PHE A 762 13.95 -0.95 -14.47
C PHE A 762 14.52 -0.81 -13.08
N LYS A 763 15.16 0.33 -12.85
CA LYS A 763 15.75 0.69 -11.56
C LYS A 763 14.59 0.94 -10.61
N ALA A 764 14.82 1.60 -9.49
CA ALA A 764 13.70 1.81 -8.55
C ALA A 764 12.81 2.97 -8.97
N GLY A 765 11.61 3.13 -8.41
CA GLY A 765 10.81 4.30 -8.78
C GLY A 765 10.61 4.58 -10.27
N VAL A 766 11.18 3.71 -11.08
CA VAL A 766 11.02 3.81 -12.48
C VAL A 766 9.60 3.30 -12.68
N LEU A 767 9.47 2.00 -12.59
CA LEU A 767 8.18 1.38 -12.80
C LEU A 767 7.19 2.12 -11.92
N GLY A 768 7.73 2.90 -10.98
CA GLY A 768 6.92 3.64 -10.03
C GLY A 768 6.29 4.82 -10.74
N ASN A 769 7.16 5.64 -11.33
CA ASN A 769 6.68 6.80 -12.09
C ASN A 769 5.72 6.42 -13.24
N LEU A 770 5.95 5.27 -13.89
CA LEU A 770 5.08 4.82 -14.95
C LEU A 770 3.67 4.79 -14.42
N GLU A 771 3.48 4.29 -13.20
CA GLU A 771 2.14 4.30 -12.65
C GLU A 771 1.68 5.73 -12.37
N GLU A 772 2.58 6.58 -11.87
CA GLU A 772 2.27 7.98 -11.54
C GLU A 772 1.98 8.78 -12.81
N MET A 773 2.55 8.33 -13.94
CA MET A 773 2.32 9.00 -15.19
C MET A 773 1.06 8.40 -15.78
N ARG A 774 1.03 7.08 -15.87
CA ARG A 774 -0.11 6.35 -16.40
C ARG A 774 -1.36 6.87 -15.71
N ASP A 775 -1.21 7.35 -14.48
CA ASP A 775 -2.36 7.89 -13.74
C ASP A 775 -2.74 9.26 -14.31
N GLU A 776 -1.83 10.25 -14.16
CA GLU A 776 -2.03 11.59 -14.68
C GLU A 776 -2.26 11.56 -16.19
N ARG A 777 -1.81 10.48 -16.86
CA ARG A 777 -1.99 10.42 -18.29
C ARG A 777 -3.42 10.12 -18.72
N LEU A 778 -4.13 9.29 -18.00
CA LEU A 778 -5.49 8.91 -18.35
C LEU A 778 -6.61 9.85 -17.86
N SER A 779 -6.23 10.86 -17.09
CA SER A 779 -7.28 11.75 -16.58
C SER A 779 -7.53 12.62 -17.78
N LYS A 780 -6.40 13.01 -18.37
CA LYS A 780 -6.36 13.84 -19.56
C LYS A 780 -7.08 13.10 -20.66
N ILE A 781 -6.48 12.04 -21.15
CA ILE A 781 -7.11 11.26 -22.19
C ILE A 781 -8.63 11.06 -22.03
N ILE A 782 -9.17 11.19 -20.83
CA ILE A 782 -10.58 10.92 -20.63
C ILE A 782 -11.26 12.22 -20.77
N SER A 783 -10.77 13.20 -20.03
CA SER A 783 -11.33 14.55 -20.08
C SER A 783 -11.22 15.12 -21.51
N MET A 784 -10.29 14.57 -22.30
CA MET A 784 -10.09 14.98 -23.69
C MET A 784 -11.35 14.54 -24.38
N PHE A 785 -11.53 13.21 -24.43
CA PHE A 785 -12.69 12.55 -25.04
C PHE A 785 -13.99 13.02 -24.42
N GLN A 786 -13.88 13.72 -23.31
CA GLN A 786 -15.07 14.28 -22.71
C GLN A 786 -15.32 15.62 -23.43
N ALA A 787 -14.24 16.39 -23.60
CA ALA A 787 -14.30 17.70 -24.26
C ALA A 787 -14.80 17.53 -25.68
N HIS A 788 -14.51 16.35 -26.26
CA HIS A 788 -14.92 16.02 -27.62
C HIS A 788 -16.42 16.00 -27.54
N ILE A 789 -16.95 15.03 -26.85
CA ILE A 789 -18.41 14.91 -26.71
C ILE A 789 -19.07 16.28 -26.49
N ARG A 790 -18.42 17.09 -25.66
CA ARG A 790 -18.92 18.42 -25.32
C ARG A 790 -19.07 19.30 -26.59
N GLY A 791 -18.01 19.38 -27.40
CA GLY A 791 -18.03 20.13 -28.65
C GLY A 791 -19.09 19.62 -29.62
N TYR A 792 -19.14 18.30 -29.88
CA TYR A 792 -20.13 17.64 -30.74
C TYR A 792 -21.52 18.08 -30.32
N LEU A 793 -21.67 18.49 -29.06
CA LEU A 793 -22.98 18.94 -28.58
C LEU A 793 -23.19 20.38 -29.07
N ILE A 794 -22.33 21.30 -28.63
CA ILE A 794 -22.45 22.70 -29.14
C ILE A 794 -22.61 22.87 -30.69
N ARG A 795 -22.41 21.79 -31.42
CA ARG A 795 -22.54 21.88 -32.86
C ARG A 795 -23.73 21.09 -33.34
N LYS A 796 -24.05 20.04 -32.61
CA LYS A 796 -25.20 19.19 -32.94
C LYS A 796 -26.35 20.14 -33.01
N ALA A 797 -26.15 21.26 -32.34
CA ALA A 797 -27.19 22.26 -32.35
C ALA A 797 -26.58 23.61 -32.47
N TYR A 798 -26.52 24.08 -33.71
CA TYR A 798 -26.03 25.42 -34.01
C TYR A 798 -27.06 25.91 -34.99
N LYS A 799 -27.37 25.03 -35.95
CA LYS A 799 -28.35 25.30 -36.97
C LYS A 799 -29.56 25.78 -36.22
N LYS A 800 -30.06 24.86 -35.41
CA LYS A 800 -31.21 25.08 -34.58
C LYS A 800 -31.11 26.47 -34.05
N LEU A 801 -29.97 26.84 -33.43
CA LEU A 801 -29.82 28.16 -32.81
C LEU A 801 -29.98 29.34 -33.75
N GLN A 802 -29.18 29.34 -34.80
CA GLN A 802 -29.22 30.39 -35.85
C GLN A 802 -30.63 30.67 -36.49
N ASP A 803 -31.46 29.63 -36.61
CA ASP A 803 -32.81 29.78 -37.12
C ASP A 803 -33.55 30.70 -36.18
N GLN A 804 -33.58 30.28 -34.92
CA GLN A 804 -34.24 31.04 -33.89
C GLN A 804 -33.78 32.49 -33.95
N ARG A 805 -32.47 32.72 -34.07
CA ARG A 805 -31.91 34.07 -34.15
C ARG A 805 -32.61 34.90 -35.18
N ILE A 806 -33.09 34.22 -36.19
CA ILE A 806 -33.81 34.89 -37.22
C ILE A 806 -35.20 35.15 -36.66
N GLY A 807 -35.96 34.08 -36.46
CA GLY A 807 -37.31 34.18 -35.91
C GLY A 807 -37.55 35.32 -34.93
N LEU A 808 -36.67 35.45 -33.93
CA LEU A 808 -36.69 36.51 -32.91
C LEU A 808 -36.60 37.87 -33.59
N SER A 809 -35.60 38.06 -34.45
CA SER A 809 -35.48 39.31 -35.19
C SER A 809 -36.83 39.68 -35.80
N VAL A 810 -37.53 38.70 -36.36
CA VAL A 810 -38.85 38.92 -36.93
C VAL A 810 -39.71 39.50 -35.81
N ILE A 811 -39.91 38.67 -34.80
CA ILE A 811 -40.69 39.00 -33.62
C ILE A 811 -40.38 40.36 -32.99
N GLN A 812 -39.23 40.57 -32.37
CA GLN A 812 -39.00 41.90 -31.74
C GLN A 812 -38.83 43.11 -32.66
N ARG A 813 -39.23 42.92 -33.92
CA ARG A 813 -39.18 43.91 -35.00
C ARG A 813 -40.63 44.27 -35.36
N ASN A 814 -41.42 43.31 -35.85
CA ASN A 814 -42.80 43.60 -36.18
C ASN A 814 -43.42 44.24 -34.96
N ILE A 815 -43.38 43.50 -33.86
CA ILE A 815 -43.94 44.03 -32.64
C ILE A 815 -43.42 45.45 -32.40
N ARG A 816 -42.10 45.66 -32.38
CA ARG A 816 -41.59 47.00 -32.10
C ARG A 816 -42.10 48.07 -33.06
N LYS A 817 -42.94 47.64 -33.99
CA LYS A 817 -43.56 48.52 -34.97
C LYS A 817 -45.07 48.54 -34.70
N TRP A 818 -45.66 47.40 -34.37
CA TRP A 818 -47.08 47.34 -34.07
C TRP A 818 -47.29 48.14 -32.78
N LEU A 819 -46.24 48.83 -32.37
CA LEU A 819 -46.27 49.63 -31.15
C LEU A 819 -45.91 51.04 -31.49
N VAL A 820 -45.86 51.31 -32.79
CA VAL A 820 -45.59 52.65 -33.33
C VAL A 820 -46.87 52.99 -34.09
N LEU A 821 -47.36 52.02 -34.87
CA LEU A 821 -48.61 52.15 -35.60
C LEU A 821 -49.73 52.68 -34.67
N ARG A 822 -49.79 52.21 -33.40
CA ARG A 822 -50.85 52.66 -32.47
C ARG A 822 -50.55 53.96 -31.72
N ASN A 823 -49.39 54.53 -32.02
CA ASN A 823 -49.03 55.81 -31.44
C ASN A 823 -48.99 56.87 -32.56
N TRP A 824 -49.36 56.47 -33.79
CA TRP A 824 -49.40 57.39 -34.93
C TRP A 824 -50.77 58.06 -34.94
N GLN A 825 -50.74 59.38 -34.66
CA GLN A 825 -51.91 60.23 -34.60
C GLN A 825 -53.08 59.75 -35.42
N TRP A 826 -52.81 59.45 -36.68
CA TRP A 826 -53.84 58.99 -37.61
C TRP A 826 -54.45 57.60 -37.32
N TRP A 827 -53.62 56.65 -36.87
CA TRP A 827 -54.09 55.28 -36.63
C TRP A 827 -55.15 55.29 -35.56
N LYS A 828 -54.92 56.15 -34.57
CA LYS A 828 -55.82 56.35 -33.45
C LYS A 828 -57.17 56.73 -34.06
N LEU A 829 -57.20 57.90 -34.69
CA LEU A 829 -58.42 58.39 -35.34
C LEU A 829 -59.14 57.37 -36.24
N TYR A 830 -58.38 56.56 -36.95
CA TYR A 830 -59.01 55.60 -37.82
C TYR A 830 -59.74 54.64 -36.93
N SER A 831 -58.98 54.16 -35.94
CA SER A 831 -59.51 53.20 -34.96
C SER A 831 -60.57 53.84 -34.12
N LYS A 832 -60.41 55.13 -33.90
CA LYS A 832 -61.40 55.83 -33.13
C LYS A 832 -62.69 55.44 -33.83
N VAL A 833 -62.68 55.35 -35.15
CA VAL A 833 -63.95 54.96 -35.77
C VAL A 833 -64.25 53.69 -36.56
N LYS A 834 -63.71 52.51 -36.37
CA LYS A 834 -64.29 51.41 -37.20
C LYS A 834 -65.53 50.96 -36.42
N PRO A 835 -66.72 51.46 -36.77
CA PRO A 835 -67.85 50.99 -35.97
C PRO A 835 -68.19 49.55 -36.22
N PRO B 13 -56.24 46.86 -49.93
CA PRO B 13 -56.69 45.89 -50.94
C PRO B 13 -58.18 45.94 -51.24
N GLN B 14 -58.97 45.03 -50.69
CA GLN B 14 -60.37 45.10 -51.02
C GLN B 14 -61.21 45.89 -50.05
N LYS B 15 -61.67 45.19 -49.02
CA LYS B 15 -62.59 45.82 -48.08
C LYS B 15 -61.75 46.87 -47.47
N GLN B 16 -60.49 46.50 -47.44
CA GLN B 16 -59.41 47.25 -46.84
C GLN B 16 -59.35 48.69 -47.32
N ILE B 17 -59.54 48.90 -48.60
CA ILE B 17 -59.50 50.27 -49.00
C ILE B 17 -60.93 50.80 -49.06
N GLN B 18 -61.88 49.87 -49.17
CA GLN B 18 -63.30 50.20 -49.25
C GLN B 18 -63.73 50.51 -47.82
N GLU B 19 -63.14 49.78 -46.88
CA GLU B 19 -63.38 49.97 -45.42
C GLU B 19 -62.80 51.37 -45.16
N MET B 20 -61.53 51.57 -45.56
CA MET B 20 -60.80 52.85 -45.46
C MET B 20 -61.58 53.99 -46.10
N LYS B 21 -62.33 53.62 -47.14
CA LYS B 21 -63.18 54.52 -47.90
C LYS B 21 -64.40 54.91 -47.08
N GLU B 22 -65.25 53.93 -46.76
CA GLU B 22 -66.46 54.16 -45.98
C GLU B 22 -66.09 55.01 -44.78
N ALA B 23 -64.82 54.95 -44.41
CA ALA B 23 -64.28 55.74 -43.30
C ALA B 23 -64.10 57.22 -43.64
N PHE B 24 -63.81 57.52 -44.90
CA PHE B 24 -63.60 58.91 -45.31
C PHE B 24 -64.85 59.78 -45.22
N SER B 25 -66.00 59.14 -45.17
CA SER B 25 -67.28 59.85 -45.12
C SER B 25 -67.16 60.59 -43.83
N MET B 26 -66.89 59.68 -42.90
CA MET B 26 -66.74 59.90 -41.50
C MET B 26 -65.90 61.09 -41.25
N ILE B 27 -64.63 60.93 -41.58
CA ILE B 27 -63.68 62.00 -41.23
C ILE B 27 -64.05 63.41 -41.67
N ASP B 28 -64.60 63.39 -42.86
CA ASP B 28 -64.99 64.55 -43.60
C ASP B 28 -66.40 64.90 -43.30
N VAL B 29 -66.59 66.00 -42.61
CA VAL B 29 -67.94 66.28 -42.34
C VAL B 29 -68.49 67.21 -43.38
N ASP B 30 -67.81 68.34 -43.63
CA ASP B 30 -68.38 69.21 -44.62
C ASP B 30 -68.78 68.30 -45.79
N ARG B 31 -68.08 67.19 -45.90
CA ARG B 31 -68.35 66.23 -47.00
C ARG B 31 -68.09 66.94 -48.32
N ASP B 32 -67.04 67.69 -48.22
CA ASP B 32 -66.60 68.45 -49.36
C ASP B 32 -65.72 67.48 -50.13
N GLY B 33 -65.32 66.42 -49.42
CA GLY B 33 -64.48 65.38 -49.99
C GLY B 33 -63.03 65.62 -49.68
N PHE B 34 -62.74 66.58 -48.79
CA PHE B 34 -61.38 66.94 -48.36
C PHE B 34 -61.40 67.15 -46.84
N VAL B 35 -60.32 66.77 -46.15
CA VAL B 35 -60.24 66.84 -44.71
C VAL B 35 -59.32 67.90 -44.12
N SER B 36 -59.88 69.08 -43.95
CA SER B 36 -59.16 70.20 -43.37
C SER B 36 -58.97 70.14 -41.85
N LYS B 37 -58.11 71.05 -41.38
CA LYS B 37 -57.78 71.23 -39.96
C LYS B 37 -59.09 71.44 -39.22
N GLU B 38 -59.81 72.46 -39.63
CA GLU B 38 -61.09 72.74 -39.04
C GLU B 38 -62.04 71.61 -39.49
N ASP B 39 -61.51 70.62 -40.22
CA ASP B 39 -62.34 69.49 -40.72
C ASP B 39 -62.07 68.17 -39.95
N ILE B 40 -61.02 68.16 -39.13
CA ILE B 40 -60.62 66.99 -38.31
C ILE B 40 -61.01 67.20 -36.85
N LYS B 41 -60.31 68.10 -36.18
CA LYS B 41 -60.58 68.46 -34.79
C LYS B 41 -62.08 68.49 -34.42
N ALA B 42 -62.94 68.38 -35.42
CA ALA B 42 -64.37 68.45 -35.17
C ALA B 42 -64.88 67.07 -34.88
N ILE B 43 -64.64 66.17 -35.82
CA ILE B 43 -65.08 64.79 -35.67
C ILE B 43 -64.26 64.19 -34.55
N SER B 44 -63.23 64.93 -34.14
CA SER B 44 -62.35 64.49 -33.05
C SER B 44 -63.13 64.49 -31.72
N GLU B 45 -63.53 65.70 -31.31
CA GLU B 45 -64.34 65.89 -30.12
C GLU B 45 -65.77 65.40 -30.38
N GLN B 46 -65.90 64.53 -31.38
CA GLN B 46 -67.19 63.95 -31.75
C GLN B 46 -67.19 62.45 -31.38
N LEU B 47 -66.00 61.89 -31.15
CA LEU B 47 -65.88 60.50 -30.80
C LEU B 47 -64.95 60.33 -29.64
N GLY B 48 -64.65 61.44 -28.98
CA GLY B 48 -63.81 61.29 -27.81
C GLY B 48 -62.97 62.51 -27.66
N ARG B 49 -61.68 62.30 -27.55
CA ARG B 49 -60.83 63.47 -27.41
C ARG B 49 -60.18 63.93 -28.72
N ALA B 50 -60.03 65.25 -28.84
CA ALA B 50 -59.40 65.87 -30.00
C ALA B 50 -57.91 66.08 -29.81
N PRO B 51 -57.22 66.40 -30.90
CA PRO B 51 -55.79 66.61 -30.76
C PRO B 51 -55.50 68.03 -30.32
N ASP B 52 -54.28 68.45 -30.60
CA ASP B 52 -53.73 69.74 -30.31
C ASP B 52 -53.77 70.40 -31.67
N ASP B 53 -53.75 71.73 -31.67
CA ASP B 53 -53.76 72.53 -32.91
C ASP B 53 -52.61 72.07 -33.80
N LYS B 54 -51.40 72.38 -33.36
CA LYS B 54 -50.21 72.04 -34.10
C LYS B 54 -50.34 70.59 -34.51
N GLU B 55 -50.74 69.72 -33.59
CA GLU B 55 -50.91 68.31 -33.94
C GLU B 55 -51.72 68.24 -35.24
N LEU B 56 -52.87 68.90 -35.23
CA LEU B 56 -53.67 68.92 -36.41
C LEU B 56 -52.77 69.28 -37.58
N THR B 57 -52.24 70.50 -37.58
CA THR B 57 -51.39 70.96 -38.70
C THR B 57 -50.25 69.99 -39.02
N ALA B 58 -49.56 69.58 -37.96
CA ALA B 58 -48.48 68.65 -38.09
C ALA B 58 -49.00 67.37 -38.75
N MET B 59 -50.32 67.18 -38.82
CA MET B 59 -50.94 65.99 -39.45
C MET B 59 -51.25 66.27 -40.93
N LEU B 60 -51.37 67.55 -41.25
CA LEU B 60 -51.61 68.01 -42.62
C LEU B 60 -50.32 68.16 -43.46
N LYS B 61 -49.18 68.47 -42.81
CA LYS B 61 -47.90 68.58 -43.52
C LYS B 61 -47.50 67.20 -44.05
N GLU B 62 -48.00 66.18 -43.33
CA GLU B 62 -47.82 64.75 -43.62
C GLU B 62 -48.64 64.40 -44.88
N ALA B 63 -49.49 65.34 -45.28
CA ALA B 63 -50.27 65.25 -46.50
C ALA B 63 -49.54 66.31 -47.33
N PRO B 64 -48.42 65.90 -47.99
CA PRO B 64 -47.63 66.83 -48.83
C PRO B 64 -48.60 67.64 -49.65
N GLY B 65 -49.48 66.88 -50.25
CA GLY B 65 -50.43 67.54 -51.02
C GLY B 65 -51.67 67.43 -50.20
N PRO B 66 -52.53 68.39 -50.53
CA PRO B 66 -53.84 68.52 -49.93
C PRO B 66 -54.66 67.22 -50.01
N LEU B 67 -55.63 67.34 -49.15
CA LEU B 67 -56.56 66.37 -48.60
C LEU B 67 -57.59 65.50 -49.21
N ASN B 68 -57.27 64.56 -50.03
CA ASN B 68 -58.37 63.76 -50.55
C ASN B 68 -58.13 62.28 -50.30
N PHE B 69 -59.13 61.47 -50.60
CA PHE B 69 -59.06 60.01 -50.40
C PHE B 69 -57.85 59.30 -50.98
N THR B 70 -57.25 59.85 -52.02
CA THR B 70 -56.12 59.19 -52.59
C THR B 70 -54.80 59.78 -52.09
N MET B 71 -54.83 60.90 -51.40
CA MET B 71 -53.56 61.44 -50.89
C MET B 71 -53.58 60.85 -49.53
N PHE B 72 -54.79 60.50 -49.13
CA PHE B 72 -55.09 59.91 -47.81
C PHE B 72 -54.61 58.48 -47.83
N LEU B 73 -55.36 57.67 -48.56
CA LEU B 73 -55.07 56.26 -48.72
C LEU B 73 -53.56 56.06 -48.89
N SER B 74 -52.90 57.10 -49.37
CA SER B 74 -51.46 57.07 -49.61
C SER B 74 -50.65 57.01 -48.36
N ILE B 75 -50.56 58.14 -47.66
CA ILE B 75 -49.77 58.18 -46.43
C ILE B 75 -50.13 57.00 -45.51
N PHE B 76 -51.39 56.57 -45.57
CA PHE B 76 -51.78 55.43 -44.75
C PHE B 76 -51.05 54.22 -45.28
N SER B 77 -51.40 53.76 -46.47
CA SER B 77 -50.66 52.63 -47.08
C SER B 77 -49.12 52.72 -46.97
N ASP B 78 -48.66 53.94 -46.69
CA ASP B 78 -47.23 54.19 -46.50
C ASP B 78 -46.68 53.72 -45.13
N LYS B 79 -47.31 52.70 -44.54
CA LYS B 79 -46.82 52.20 -43.26
C LYS B 79 -46.83 50.68 -43.13
N LEU B 80 -47.97 50.03 -43.37
CA LEU B 80 -48.07 48.56 -43.29
C LEU B 80 -47.27 47.86 -44.39
N SER B 81 -46.14 48.49 -44.71
CA SER B 81 -45.17 48.06 -45.70
C SER B 81 -44.07 47.13 -45.14
N GLY B 82 -42.96 47.73 -44.68
CA GLY B 82 -41.85 46.96 -44.16
C GLY B 82 -42.25 46.20 -42.91
N THR B 83 -43.14 45.22 -43.09
CA THR B 83 -43.62 44.37 -41.98
C THR B 83 -43.80 43.03 -42.63
N ASP B 84 -43.53 41.95 -41.90
CA ASP B 84 -43.67 40.63 -42.51
C ASP B 84 -45.12 40.16 -42.67
N SER B 85 -45.31 38.96 -43.19
CA SER B 85 -46.65 38.50 -43.42
C SER B 85 -47.15 38.10 -42.06
N GLU B 86 -48.21 37.32 -42.04
CA GLU B 86 -48.74 36.86 -40.74
C GLU B 86 -48.30 35.43 -40.34
N GLU B 87 -48.34 34.52 -41.30
CA GLU B 87 -47.98 33.16 -41.07
C GLU B 87 -46.51 33.12 -40.88
N THR B 88 -45.81 34.18 -41.26
CA THR B 88 -44.38 34.20 -41.10
C THR B 88 -44.10 34.72 -39.71
N ILE B 89 -45.17 35.10 -39.02
CA ILE B 89 -44.98 35.50 -37.64
C ILE B 89 -45.57 34.35 -36.81
N ARG B 90 -46.73 33.85 -37.23
CA ARG B 90 -47.41 32.79 -36.55
C ARG B 90 -46.52 31.62 -36.75
N ASN B 91 -45.24 31.82 -37.10
CA ASN B 91 -44.34 30.68 -37.30
C ASN B 91 -42.99 31.03 -36.72
N ALA B 92 -42.62 32.32 -36.78
CA ALA B 92 -41.36 32.87 -36.22
C ALA B 92 -41.26 32.59 -34.71
N PHE B 93 -42.44 32.52 -34.10
CA PHE B 93 -42.67 32.21 -32.70
C PHE B 93 -42.49 30.71 -32.73
N ALA B 94 -43.44 29.98 -33.31
CA ALA B 94 -43.35 28.53 -33.40
C ALA B 94 -41.95 27.90 -33.27
N MET B 95 -40.90 28.61 -33.67
CA MET B 95 -39.53 28.10 -33.55
C MET B 95 -39.09 27.88 -32.10
N PHE B 96 -39.91 28.30 -31.15
CA PHE B 96 -39.58 28.17 -29.75
C PHE B 96 -40.68 27.41 -29.00
N ASP B 97 -41.46 26.64 -29.72
CA ASP B 97 -42.52 25.85 -29.13
C ASP B 97 -42.30 24.45 -29.67
N GLU B 98 -41.03 24.06 -29.62
CA GLU B 98 -40.60 22.79 -30.11
C GLU B 98 -41.65 21.69 -30.06
N GLN B 99 -42.33 21.54 -28.94
CA GLN B 99 -43.27 20.44 -28.96
C GLN B 99 -44.64 20.80 -29.51
N GLU B 100 -44.75 21.92 -30.20
CA GLU B 100 -46.05 22.34 -30.76
C GLU B 100 -47.19 22.38 -29.72
N THR B 101 -47.16 23.36 -28.83
CA THR B 101 -48.19 23.50 -27.80
C THR B 101 -49.08 24.66 -28.21
N LYS B 102 -48.58 25.43 -29.18
CA LYS B 102 -49.27 26.60 -29.69
C LYS B 102 -49.33 27.63 -28.56
N LYS B 103 -48.35 27.58 -27.67
CA LYS B 103 -48.26 28.49 -26.55
C LYS B 103 -46.89 28.38 -25.93
N LEU B 104 -46.44 29.50 -25.35
CA LEU B 104 -45.13 29.59 -24.69
C LEU B 104 -45.22 29.89 -23.19
N ASN B 105 -44.09 29.83 -22.46
CA ASN B 105 -44.17 30.09 -21.04
C ASN B 105 -44.03 31.60 -20.83
N ILE B 106 -45.04 32.24 -20.27
CA ILE B 106 -44.99 33.70 -20.11
C ILE B 106 -43.68 34.28 -19.55
N GLU B 107 -42.85 33.46 -18.93
CA GLU B 107 -41.59 33.95 -18.38
C GLU B 107 -40.48 33.58 -19.37
N TYR B 108 -40.88 32.80 -20.35
CA TYR B 108 -39.97 32.32 -21.38
C TYR B 108 -39.80 33.40 -22.43
N ILE B 109 -40.84 33.52 -23.26
CA ILE B 109 -40.86 34.49 -24.34
C ILE B 109 -40.48 35.80 -23.72
N LYS B 110 -41.17 36.14 -22.67
CA LYS B 110 -40.87 37.40 -21.98
C LYS B 110 -39.37 37.49 -21.63
N ASP B 111 -38.79 36.37 -21.17
CA ASP B 111 -37.37 36.30 -20.80
C ASP B 111 -36.62 36.78 -22.02
N LEU B 112 -37.07 36.25 -23.14
CA LEU B 112 -36.49 36.52 -24.43
C LEU B 112 -36.34 37.99 -24.68
N LEU B 113 -37.46 38.64 -25.01
CA LEU B 113 -37.46 40.03 -25.41
C LEU B 113 -36.70 41.05 -24.60
N GLU B 114 -36.19 40.72 -23.42
CA GLU B 114 -35.56 41.79 -22.67
C GLU B 114 -34.16 41.60 -22.25
N ASN B 115 -33.72 40.36 -22.26
CA ASN B 115 -32.40 40.00 -21.76
C ASN B 115 -31.39 39.67 -22.85
N MET B 116 -31.88 39.06 -23.95
CA MET B 116 -31.35 38.54 -25.21
C MET B 116 -32.15 39.05 -26.46
N GLY B 117 -31.33 39.49 -27.40
CA GLY B 117 -31.73 40.00 -28.69
C GLY B 117 -31.51 41.47 -28.86
N ASP B 118 -32.51 42.05 -29.52
CA ASP B 118 -32.57 43.50 -29.75
C ASP B 118 -33.36 43.80 -28.51
N ASN B 119 -32.60 44.17 -27.52
CA ASN B 119 -33.09 44.42 -26.18
C ASN B 119 -34.29 45.30 -26.03
N PHE B 120 -35.46 44.67 -26.01
CA PHE B 120 -36.63 45.48 -25.73
C PHE B 120 -36.30 46.23 -24.44
N ASN B 121 -37.23 47.06 -24.06
CA ASN B 121 -37.16 47.84 -22.84
C ASN B 121 -38.53 47.75 -22.13
N LYS B 122 -38.49 47.82 -20.80
CA LYS B 122 -39.66 47.78 -19.97
C LYS B 122 -40.82 48.54 -20.59
N ASP B 123 -40.66 49.84 -20.77
CA ASP B 123 -41.68 50.69 -21.34
C ASP B 123 -42.24 49.91 -22.53
N GLU B 124 -41.31 49.35 -23.33
CA GLU B 124 -41.72 48.57 -24.49
C GLU B 124 -42.48 47.26 -24.19
N MET B 125 -42.05 46.56 -23.14
CA MET B 125 -42.65 45.28 -22.82
C MET B 125 -44.01 45.50 -22.21
N ARG B 126 -44.02 46.42 -21.28
CA ARG B 126 -45.23 46.76 -20.52
C ARG B 126 -46.34 47.07 -21.47
N MET B 127 -45.94 47.84 -22.45
CA MET B 127 -46.86 48.30 -23.44
C MET B 127 -47.09 47.15 -24.37
N THR B 128 -46.24 46.14 -24.33
CA THR B 128 -46.39 44.98 -25.23
C THR B 128 -47.38 43.94 -24.74
N PHE B 129 -47.25 43.61 -23.46
CA PHE B 129 -48.05 42.60 -22.80
C PHE B 129 -49.24 43.19 -22.11
N LYS B 130 -49.29 44.51 -22.03
CA LYS B 130 -50.40 45.20 -21.36
C LYS B 130 -51.77 44.60 -21.72
N GLU B 131 -51.85 43.84 -22.81
CA GLU B 131 -53.12 43.26 -23.21
C GLU B 131 -52.95 41.87 -23.80
N ALA B 132 -51.70 41.34 -23.82
CA ALA B 132 -51.37 39.99 -24.33
C ALA B 132 -52.29 38.95 -23.67
N PRO B 133 -52.74 37.94 -24.44
CA PRO B 133 -53.64 36.83 -24.07
C PRO B 133 -53.15 35.72 -23.15
N VAL B 134 -52.41 36.04 -22.09
CA VAL B 134 -51.92 34.96 -21.22
C VAL B 134 -52.95 34.16 -20.40
N GLU B 135 -52.86 32.83 -20.45
CA GLU B 135 -53.74 31.92 -19.72
C GLU B 135 -52.95 31.52 -18.49
N GLY B 136 -53.12 30.27 -18.03
CA GLY B 136 -52.37 29.82 -16.87
C GLY B 136 -50.86 29.74 -17.12
N GLY B 137 -50.24 30.88 -17.42
CA GLY B 137 -48.80 30.92 -17.67
C GLY B 137 -48.40 30.86 -19.15
N LYS B 138 -49.32 30.36 -19.96
CA LYS B 138 -49.17 30.19 -21.41
C LYS B 138 -49.63 31.36 -22.33
N PHE B 139 -48.62 31.99 -22.92
CA PHE B 139 -48.77 33.11 -23.86
C PHE B 139 -49.13 32.50 -25.21
N ASP B 140 -50.32 32.82 -25.69
CA ASP B 140 -50.77 32.27 -26.97
C ASP B 140 -50.33 33.19 -28.09
N TYR B 141 -49.20 32.85 -28.71
CA TYR B 141 -48.67 33.60 -29.81
C TYR B 141 -49.58 33.47 -31.06
N VAL B 142 -50.20 32.30 -31.26
CA VAL B 142 -51.10 32.09 -32.40
C VAL B 142 -52.02 33.29 -32.63
N LYS B 143 -52.64 33.76 -31.57
CA LYS B 143 -53.52 34.91 -31.68
C LYS B 143 -52.86 36.23 -31.36
N PHE B 144 -51.74 36.26 -30.66
CA PHE B 144 -51.09 37.52 -30.36
C PHE B 144 -50.59 38.01 -31.68
N THR B 145 -50.58 37.07 -32.61
CA THR B 145 -50.16 37.27 -33.98
C THR B 145 -51.39 37.54 -34.80
N ALA B 146 -52.26 36.56 -34.73
CA ALA B 146 -53.51 36.64 -35.42
C ALA B 146 -54.05 38.01 -35.10
N MET B 147 -53.46 38.72 -34.13
CA MET B 147 -54.01 40.05 -33.90
C MET B 147 -53.01 41.18 -33.88
N ILE B 148 -51.74 40.84 -33.90
CA ILE B 148 -50.73 41.86 -33.81
C ILE B 148 -51.03 42.75 -34.98
N LYS B 149 -51.63 42.16 -36.03
CA LYS B 149 -52.00 42.91 -37.23
C LYS B 149 -53.49 42.89 -37.62
N GLY B 150 -54.28 41.98 -37.06
CA GLY B 150 -55.71 41.94 -37.35
C GLY B 150 -56.22 40.59 -37.77
N SER B 151 -56.84 39.85 -36.86
CA SER B 151 -57.35 38.53 -37.19
C SER B 151 -58.53 38.51 -38.14
N GLY B 152 -58.72 37.38 -38.84
CA GLY B 152 -59.91 37.18 -39.68
C GLY B 152 -60.80 36.53 -38.62
N GLU B 153 -62.04 36.98 -38.44
CA GLU B 153 -62.83 36.39 -37.34
C GLU B 153 -64.31 36.17 -37.53
N GLU B 154 -64.96 37.12 -38.21
CA GLU B 154 -66.39 37.00 -38.46
C GLU B 154 -66.88 35.85 -39.39
N LYS C 2 -0.79 30.73 -35.98
CA LYS C 2 -1.72 31.85 -36.42
C LYS C 2 -2.75 31.42 -37.50
N LEU C 3 -3.88 32.15 -37.59
CA LEU C 3 -4.95 31.84 -38.52
C LEU C 3 -5.11 32.86 -39.64
N SER C 4 -5.73 32.37 -40.71
CA SER C 4 -5.92 33.15 -41.92
C SER C 4 -7.00 34.19 -41.79
N GLN C 5 -7.07 35.10 -42.77
CA GLN C 5 -8.07 36.16 -42.79
C GLN C 5 -9.48 35.61 -43.01
N ASP C 6 -9.66 34.69 -43.95
CA ASP C 6 -10.98 34.13 -44.15
C ASP C 6 -11.37 33.38 -42.88
N GLU C 7 -10.39 33.19 -42.00
CA GLU C 7 -10.59 32.50 -40.72
C GLU C 7 -10.98 33.52 -39.67
N ILE C 8 -10.32 34.68 -39.71
CA ILE C 8 -10.66 35.77 -38.80
C ILE C 8 -12.12 36.05 -39.04
N ASP C 9 -12.68 35.46 -40.11
CA ASP C 9 -14.11 35.61 -40.47
C ASP C 9 -14.96 34.46 -39.93
N ASP C 10 -14.39 33.25 -39.98
CA ASP C 10 -15.07 32.06 -39.48
C ASP C 10 -15.34 32.32 -37.96
N LEU C 11 -14.84 33.49 -37.49
CA LEU C 11 -14.94 33.97 -36.09
C LEU C 11 -15.87 35.19 -35.97
N LYS C 12 -15.84 36.07 -36.97
CA LYS C 12 -16.72 37.24 -36.94
C LYS C 12 -18.18 36.77 -37.09
N ASP C 13 -18.37 35.82 -38.01
CA ASP C 13 -19.67 35.24 -38.35
C ASP C 13 -20.45 34.52 -37.24
N VAL C 14 -19.75 33.73 -36.41
CA VAL C 14 -20.43 32.97 -35.38
C VAL C 14 -20.56 33.70 -34.06
N PHE C 15 -19.77 34.75 -33.88
CA PHE C 15 -19.80 35.60 -32.70
C PHE C 15 -20.92 36.69 -32.85
N GLU C 16 -21.31 36.91 -34.08
CA GLU C 16 -22.37 37.83 -34.37
C GLU C 16 -23.67 37.05 -34.15
N LEU C 17 -23.58 35.85 -33.55
CA LEU C 17 -24.77 35.05 -33.26
C LEU C 17 -24.84 35.07 -31.78
N PHE C 18 -23.69 35.23 -31.17
CA PHE C 18 -23.58 35.27 -29.73
C PHE C 18 -23.77 36.69 -29.19
N ASP C 19 -23.15 37.65 -29.81
CA ASP C 19 -23.32 39.01 -29.32
C ASP C 19 -24.84 39.19 -29.31
N PHE C 20 -25.51 38.30 -30.01
CA PHE C 20 -26.97 38.33 -30.21
C PHE C 20 -27.74 37.89 -29.01
N TRP C 21 -27.38 36.71 -28.58
CA TRP C 21 -28.03 36.03 -27.46
C TRP C 21 -27.35 36.32 -26.14
N ASP C 22 -27.12 37.61 -25.98
CA ASP C 22 -26.54 38.24 -24.83
C ASP C 22 -27.04 39.66 -25.07
N GLY C 23 -27.48 39.93 -26.30
CA GLY C 23 -27.99 41.26 -26.61
C GLY C 23 -27.04 41.94 -27.56
N ARG C 24 -27.54 42.54 -28.64
CA ARG C 24 -26.59 43.13 -29.58
C ARG C 24 -25.91 44.31 -28.93
N ASP C 25 -24.70 44.13 -28.44
CA ASP C 25 -24.03 45.23 -27.76
C ASP C 25 -22.60 45.34 -28.21
N GLY C 26 -22.03 44.23 -28.67
CA GLY C 26 -20.66 44.24 -29.16
C GLY C 26 -19.76 43.59 -28.16
N ALA C 27 -20.37 42.68 -27.41
CA ALA C 27 -19.73 41.97 -26.36
C ALA C 27 -20.54 40.75 -26.06
N VAL C 28 -19.79 39.81 -25.48
CA VAL C 28 -20.20 38.49 -25.07
C VAL C 28 -19.53 38.18 -23.74
N ASP C 29 -20.01 37.11 -23.13
CA ASP C 29 -19.60 36.71 -21.80
C ASP C 29 -18.61 35.60 -21.84
N ALA C 30 -17.51 35.87 -21.16
CA ALA C 30 -16.42 34.93 -21.06
C ALA C 30 -16.97 33.53 -20.83
N PHE C 31 -18.10 33.40 -20.12
CA PHE C 31 -18.67 32.09 -19.83
C PHE C 31 -18.99 31.32 -21.10
N LYS C 32 -19.51 32.06 -22.07
CA LYS C 32 -19.89 31.48 -23.33
C LYS C 32 -18.70 31.29 -24.25
N LEU C 33 -17.58 31.94 -23.95
CA LEU C 33 -16.40 31.81 -24.80
C LEU C 33 -16.16 30.36 -25.31
N GLY C 34 -15.60 29.49 -24.49
CA GLY C 34 -15.35 28.13 -24.93
C GLY C 34 -16.46 27.52 -25.78
N ASP C 35 -17.69 27.91 -25.52
CA ASP C 35 -18.75 27.36 -26.30
C ASP C 35 -18.59 27.72 -27.77
N VAL C 36 -18.27 28.99 -28.06
CA VAL C 36 -18.13 29.45 -29.46
C VAL C 36 -17.05 28.67 -30.18
N CYS C 37 -15.95 28.48 -29.47
CA CYS C 37 -14.78 27.78 -29.91
C CYS C 37 -15.07 26.34 -30.27
N ARG C 38 -16.22 25.83 -29.83
CA ARG C 38 -16.58 24.43 -30.11
C ARG C 38 -17.24 24.39 -31.48
N CYS C 39 -18.18 25.33 -31.67
CA CYS C 39 -18.91 25.52 -32.93
C CYS C 39 -17.91 25.61 -34.10
N LEU C 40 -16.69 26.10 -33.80
CA LEU C 40 -15.67 26.22 -34.82
C LEU C 40 -14.83 24.94 -34.94
N GLY C 41 -15.47 23.76 -34.94
CA GLY C 41 -14.71 22.50 -35.02
C GLY C 41 -13.58 22.33 -33.99
N ILE C 42 -13.88 22.38 -32.71
CA ILE C 42 -12.83 22.21 -31.72
C ILE C 42 -13.43 21.54 -30.50
N ASN C 43 -12.58 21.16 -29.56
CA ASN C 43 -13.04 20.55 -28.34
C ASN C 43 -12.10 20.89 -27.23
N PRO C 44 -11.93 22.17 -26.91
CA PRO C 44 -11.00 22.45 -25.81
C PRO C 44 -11.55 21.92 -24.48
N ARG C 45 -10.71 21.97 -23.44
CA ARG C 45 -11.11 21.47 -22.15
C ARG C 45 -11.52 22.69 -21.38
N ASN C 46 -12.39 22.51 -20.38
CA ASN C 46 -12.86 23.65 -19.59
C ASN C 46 -11.69 24.24 -18.84
N GLU C 47 -10.81 23.36 -18.35
CA GLU C 47 -9.66 23.88 -17.65
C GLU C 47 -9.01 24.91 -18.60
N ASP C 48 -8.90 24.51 -19.89
CA ASP C 48 -8.31 25.32 -20.96
C ASP C 48 -8.92 26.71 -21.11
N VAL C 49 -10.19 26.72 -21.56
CA VAL C 49 -10.94 27.95 -21.74
C VAL C 49 -10.79 28.83 -20.52
N PHE C 50 -10.48 28.23 -19.36
CA PHE C 50 -10.30 28.98 -18.12
C PHE C 50 -8.93 29.66 -18.10
N ALA C 51 -8.05 29.23 -19.00
CA ALA C 51 -6.70 29.80 -19.11
C ALA C 51 -6.88 30.99 -20.01
N VAL C 52 -7.36 30.72 -21.20
CA VAL C 52 -7.63 31.77 -22.14
C VAL C 52 -8.82 32.57 -21.56
N GLY C 53 -8.55 33.52 -20.64
CA GLY C 53 -9.66 34.31 -20.09
C GLY C 53 -10.79 33.43 -19.53
N GLY C 54 -11.85 33.17 -20.31
CA GLY C 54 -12.92 32.28 -19.83
C GLY C 54 -13.48 32.47 -18.43
N THR C 55 -14.75 32.17 -18.28
CA THR C 55 -15.36 32.38 -16.98
C THR C 55 -16.28 31.25 -16.54
N HIS C 56 -16.24 30.99 -15.25
CA HIS C 56 -17.01 29.95 -14.60
C HIS C 56 -18.53 30.05 -14.81
N LYS C 57 -19.16 30.91 -14.04
CA LYS C 57 -20.61 31.07 -14.10
C LYS C 57 -21.04 32.08 -15.15
N MET C 58 -22.33 32.05 -15.47
CA MET C 58 -22.82 33.00 -16.44
C MET C 58 -22.53 34.40 -15.91
N GLY C 59 -22.67 35.40 -16.79
CA GLY C 59 -22.46 36.79 -16.42
C GLY C 59 -21.46 37.03 -15.33
N GLU C 60 -20.23 37.31 -15.73
CA GLU C 60 -19.13 37.61 -14.80
C GLU C 60 -18.35 38.77 -15.46
N LYS C 61 -17.83 38.45 -16.65
CA LYS C 61 -17.07 39.37 -17.49
C LYS C 61 -17.40 39.06 -18.96
N SER C 62 -17.58 40.12 -19.72
CA SER C 62 -17.87 40.06 -21.14
C SER C 62 -16.77 40.72 -21.98
N LEU C 63 -16.62 40.23 -23.21
CA LEU C 63 -15.60 40.75 -24.09
C LEU C 63 -16.01 40.90 -25.54
N PRO C 64 -15.47 41.94 -26.20
CA PRO C 64 -15.66 42.35 -27.60
C PRO C 64 -14.80 41.48 -28.50
N PHE C 65 -14.71 41.78 -29.79
CA PHE C 65 -13.90 40.91 -30.65
C PHE C 65 -12.39 40.90 -30.39
N GLU C 66 -11.76 42.07 -30.42
CA GLU C 66 -10.31 42.15 -30.24
C GLU C 66 -9.64 41.47 -29.02
N GLU C 67 -10.43 41.03 -28.03
CA GLU C 67 -9.86 40.33 -26.87
C GLU C 67 -10.30 38.89 -27.05
N PHE C 68 -11.51 38.74 -27.54
CA PHE C 68 -12.09 37.44 -27.83
C PHE C 68 -11.27 36.81 -28.93
N LEU C 69 -10.29 37.55 -29.44
CA LEU C 69 -9.46 37.05 -30.53
C LEU C 69 -8.28 36.20 -30.04
N PRO C 70 -7.37 36.80 -29.25
CA PRO C 70 -6.22 36.04 -28.74
C PRO C 70 -6.65 34.73 -28.05
N ALA C 71 -7.95 34.64 -27.86
CA ALA C 71 -8.56 33.48 -27.25
C ALA C 71 -8.44 32.40 -28.27
N TYR C 72 -9.44 32.30 -29.14
CA TYR C 72 -9.41 31.27 -30.15
C TYR C 72 -7.99 30.78 -30.41
N GLU C 73 -7.14 31.64 -30.95
CA GLU C 73 -5.74 31.27 -31.25
C GLU C 73 -4.95 30.53 -30.15
N GLY C 74 -4.99 31.06 -28.93
CA GLY C 74 -4.32 30.42 -27.82
C GLY C 74 -4.99 29.07 -27.75
N LEU C 75 -6.29 29.05 -27.39
CA LEU C 75 -7.12 27.83 -27.27
C LEU C 75 -7.17 26.99 -28.55
N MET C 76 -6.42 27.47 -29.53
CA MET C 76 -6.32 26.84 -30.84
C MET C 76 -5.12 25.91 -30.76
N ASP C 77 -4.00 26.45 -30.28
CA ASP C 77 -2.79 25.66 -30.10
C ASP C 77 -3.04 24.92 -28.78
N CYS C 78 -4.05 24.05 -28.81
CA CYS C 78 -4.41 23.27 -27.64
C CYS C 78 -4.41 21.77 -27.99
N GLU C 79 -3.96 20.94 -27.05
CA GLU C 79 -3.93 19.49 -27.31
C GLU C 79 -5.31 18.84 -27.51
N GLN C 80 -5.48 18.06 -28.57
CA GLN C 80 -6.76 17.41 -28.81
C GLN C 80 -6.48 15.93 -28.79
N GLY C 81 -7.49 15.10 -28.97
CA GLY C 81 -7.25 13.65 -28.94
C GLY C 81 -7.34 12.94 -30.26
N THR C 82 -6.62 11.85 -30.38
CA THR C 82 -6.60 10.98 -31.58
C THR C 82 -7.37 9.72 -31.28
N PHE C 83 -7.77 8.98 -32.27
CA PHE C 83 -8.53 7.72 -32.06
C PHE C 83 -7.93 6.76 -31.03
N ALA C 84 -6.65 6.43 -31.16
CA ALA C 84 -5.95 5.55 -30.21
C ALA C 84 -6.25 6.03 -28.78
N ASP C 85 -5.69 7.16 -28.36
CA ASP C 85 -6.00 7.72 -27.08
C ASP C 85 -7.39 7.31 -26.59
N TYR C 86 -8.37 7.47 -27.45
CA TYR C 86 -9.73 7.15 -27.07
C TYR C 86 -10.01 5.63 -27.11
N MET C 87 -8.99 4.79 -27.08
CA MET C 87 -9.22 3.38 -27.15
C MET C 87 -8.16 2.75 -26.29
N GLU C 88 -7.04 3.43 -26.20
CA GLU C 88 -5.91 2.89 -25.45
C GLU C 88 -6.09 3.33 -24.03
N ALA C 89 -7.30 3.79 -23.80
CA ALA C 89 -7.73 4.28 -22.51
C ALA C 89 -9.06 3.69 -22.08
N PHE C 90 -9.75 3.06 -23.01
CA PHE C 90 -11.01 2.47 -22.70
C PHE C 90 -10.66 1.02 -22.58
N LYS C 91 -9.38 0.70 -22.73
CA LYS C 91 -8.99 -0.71 -22.58
C LYS C 91 -8.80 -1.11 -21.11
N THR C 92 -8.52 -0.10 -20.29
CA THR C 92 -8.30 -0.26 -18.86
C THR C 92 -9.62 -0.46 -18.15
N PHE C 93 -10.65 -0.81 -18.88
CA PHE C 93 -11.94 -1.03 -18.29
C PHE C 93 -12.51 -2.31 -18.91
N ASP C 94 -11.73 -2.91 -19.79
CA ASP C 94 -12.15 -4.12 -20.48
C ASP C 94 -11.37 -5.24 -19.89
N ARG C 95 -12.04 -5.99 -19.02
CA ARG C 95 -11.44 -7.13 -18.34
C ARG C 95 -11.48 -8.35 -19.26
N GLU C 96 -12.56 -8.51 -20.03
CA GLU C 96 -12.64 -9.66 -20.91
C GLU C 96 -11.63 -9.44 -22.03
N GLY C 97 -11.30 -8.15 -22.22
CA GLY C 97 -10.40 -7.73 -23.30
C GLY C 97 -11.14 -7.83 -24.64
N GLN C 98 -12.40 -8.25 -24.53
CA GLN C 98 -13.30 -8.48 -25.64
C GLN C 98 -13.65 -7.20 -26.34
N GLY C 99 -13.71 -6.10 -25.59
CA GLY C 99 -13.98 -4.85 -26.26
C GLY C 99 -15.34 -4.35 -25.93
N PHE C 100 -15.76 -4.57 -24.67
CA PHE C 100 -17.08 -4.13 -24.18
C PHE C 100 -16.99 -3.41 -22.82
N ILE C 101 -17.94 -2.52 -22.58
CA ILE C 101 -18.00 -1.78 -21.34
C ILE C 101 -19.46 -1.50 -21.13
N SER C 102 -20.02 -2.09 -20.09
CA SER C 102 -21.40 -1.90 -19.81
C SER C 102 -21.78 -0.44 -19.67
N GLY C 103 -23.05 -0.24 -19.98
CA GLY C 103 -23.58 1.08 -19.88
C GLY C 103 -23.47 1.61 -18.46
N ALA C 104 -23.88 0.83 -17.48
CA ALA C 104 -23.90 1.33 -16.10
C ALA C 104 -22.57 1.94 -15.76
N GLU C 105 -21.59 1.35 -16.39
CA GLU C 105 -20.22 1.74 -16.15
C GLU C 105 -19.90 3.00 -16.93
N LEU C 106 -20.02 2.87 -18.26
CA LEU C 106 -19.72 3.92 -19.22
C LEU C 106 -20.16 5.23 -18.62
N ARG C 107 -21.42 5.27 -18.16
CA ARG C 107 -21.98 6.46 -17.54
C ARG C 107 -20.95 6.98 -16.55
N HIS C 108 -20.74 6.18 -15.50
CA HIS C 108 -19.78 6.50 -14.44
C HIS C 108 -18.44 6.96 -15.00
N VAL C 109 -17.95 6.27 -16.02
CA VAL C 109 -16.65 6.60 -16.53
C VAL C 109 -16.47 8.07 -16.77
N LEU C 110 -17.38 8.65 -17.57
CA LEU C 110 -17.35 10.05 -17.98
C LEU C 110 -18.17 10.95 -17.09
N THR C 111 -19.09 10.36 -16.35
CA THR C 111 -19.88 11.14 -15.40
C THR C 111 -19.12 11.28 -14.07
N ALA C 112 -18.20 10.34 -13.80
CA ALA C 112 -17.42 10.35 -12.59
C ALA C 112 -15.95 10.65 -12.78
N LEU C 113 -15.38 10.29 -13.91
CA LEU C 113 -13.94 10.56 -14.11
C LEU C 113 -13.62 11.75 -15.06
N GLY C 114 -12.38 12.26 -15.00
CA GLY C 114 -11.92 13.39 -15.83
C GLY C 114 -12.58 14.74 -15.54
N GLU C 115 -13.21 15.33 -16.57
CA GLU C 115 -13.94 16.57 -16.37
C GLU C 115 -15.40 16.07 -16.36
N ARG C 116 -15.85 15.49 -15.25
CA ARG C 116 -17.16 14.89 -15.17
C ARG C 116 -18.24 15.50 -16.06
N LEU C 117 -19.09 14.63 -16.61
CA LEU C 117 -20.19 15.09 -17.44
C LEU C 117 -21.54 15.01 -16.73
N SER C 118 -22.37 16.03 -16.91
CA SER C 118 -23.72 15.99 -16.35
C SER C 118 -24.49 14.80 -16.97
N ASP C 119 -25.28 14.10 -16.16
CA ASP C 119 -26.01 12.94 -16.63
C ASP C 119 -26.77 13.35 -17.85
N GLU C 120 -27.20 14.59 -17.86
CA GLU C 120 -28.00 15.08 -18.95
C GLU C 120 -27.25 14.93 -20.29
N ASP C 121 -26.11 15.60 -20.39
CA ASP C 121 -25.32 15.60 -21.60
C ASP C 121 -25.30 14.18 -22.09
N VAL C 122 -24.75 13.33 -21.25
CA VAL C 122 -24.59 11.89 -21.47
C VAL C 122 -25.84 11.24 -22.00
N ASP C 123 -27.00 11.69 -21.54
CA ASP C 123 -28.26 11.09 -22.00
C ASP C 123 -28.50 11.43 -23.46
N GLU C 124 -28.31 12.70 -23.81
CA GLU C 124 -28.51 13.19 -25.16
C GLU C 124 -27.46 12.58 -26.05
N ILE C 125 -26.20 12.87 -25.74
CA ILE C 125 -25.09 12.35 -26.53
C ILE C 125 -25.27 10.89 -26.96
N ILE C 126 -26.04 10.14 -26.18
CA ILE C 126 -26.33 8.75 -26.50
C ILE C 126 -27.49 8.75 -27.47
N LYS C 127 -28.53 9.53 -27.16
CA LYS C 127 -29.71 9.57 -28.02
C LYS C 127 -29.23 9.84 -29.42
N LEU C 128 -28.47 10.93 -29.55
CA LEU C 128 -27.88 11.36 -30.81
C LEU C 128 -27.13 10.22 -31.43
N THR C 129 -25.98 9.88 -30.86
CA THR C 129 -25.20 8.79 -31.40
C THR C 129 -25.98 7.48 -31.50
N ASP C 130 -27.26 7.51 -31.16
CA ASP C 130 -28.10 6.31 -31.22
C ASP C 130 -27.34 5.08 -30.76
N LEU C 131 -26.93 5.09 -29.49
CA LEU C 131 -26.22 3.92 -28.91
C LEU C 131 -27.24 2.83 -28.51
N GLN C 132 -26.71 1.72 -28.02
CA GLN C 132 -27.57 0.61 -27.59
C GLN C 132 -26.78 -0.54 -26.93
N GLU C 133 -27.44 -1.32 -26.08
CA GLU C 133 -26.78 -2.42 -25.40
C GLU C 133 -27.47 -3.71 -25.80
N ASP C 134 -26.81 -4.82 -25.50
CA ASP C 134 -27.36 -6.13 -25.84
C ASP C 134 -28.18 -6.55 -24.66
N LEU C 135 -28.56 -7.83 -24.63
CA LEU C 135 -29.35 -8.37 -23.54
C LEU C 135 -28.42 -8.52 -22.35
N GLU C 136 -27.12 -8.52 -22.61
CA GLU C 136 -26.14 -8.63 -21.53
C GLU C 136 -25.95 -7.24 -20.94
N GLY C 137 -26.51 -6.23 -21.62
CA GLY C 137 -26.34 -4.84 -21.18
C GLY C 137 -24.98 -4.14 -21.41
N ASN C 138 -24.14 -4.77 -22.24
CA ASN C 138 -22.83 -4.26 -22.54
C ASN C 138 -22.91 -3.53 -23.83
N VAL C 139 -21.96 -2.62 -24.02
CA VAL C 139 -21.90 -1.83 -25.25
C VAL C 139 -20.55 -2.01 -25.92
N LYS C 140 -20.50 -1.80 -27.25
CA LYS C 140 -19.26 -1.94 -28.07
C LYS C 140 -18.67 -0.52 -28.21
N TYR C 141 -17.94 -0.10 -27.19
CA TYR C 141 -17.45 1.26 -27.09
C TYR C 141 -16.61 1.61 -28.27
N GLU C 142 -15.82 0.64 -28.71
CA GLU C 142 -14.91 0.87 -29.83
C GLU C 142 -15.58 1.81 -30.85
N ASP C 143 -16.80 1.46 -31.25
CA ASP C 143 -17.58 2.24 -32.19
C ASP C 143 -17.92 3.59 -31.63
N PHE C 144 -18.81 3.62 -30.63
CA PHE C 144 -19.22 4.84 -29.95
C PHE C 144 -18.15 5.95 -30.06
N VAL C 145 -16.87 5.59 -29.92
CA VAL C 145 -15.79 6.56 -29.99
C VAL C 145 -15.60 7.05 -31.43
N LYS C 146 -16.14 6.31 -32.39
CA LYS C 146 -16.01 6.70 -33.77
C LYS C 146 -17.14 7.65 -34.14
N LYS C 147 -18.31 7.44 -33.55
CA LYS C 147 -19.48 8.30 -33.80
C LYS C 147 -19.20 9.70 -33.24
N VAL C 148 -18.99 9.79 -31.93
CA VAL C 148 -18.69 11.04 -31.31
C VAL C 148 -17.49 11.74 -31.99
N MET C 149 -16.49 10.96 -32.42
CA MET C 149 -15.30 11.55 -33.05
C MET C 149 -15.61 12.06 -34.46
N ALA C 150 -16.47 11.29 -35.13
CA ALA C 150 -16.98 11.51 -36.46
C ALA C 150 -18.25 12.37 -36.50
N GLY C 151 -18.18 13.32 -35.62
CA GLY C 151 -19.02 14.50 -35.57
C GLY C 151 -20.49 14.52 -35.65
N PRO C 152 -21.16 15.67 -35.49
CA PRO C 152 -22.64 15.62 -35.55
C PRO C 152 -23.20 15.04 -36.82
N TYR C 153 -23.37 15.90 -37.80
CA TYR C 153 -23.92 15.47 -39.08
C TYR C 153 -22.78 14.87 -39.90
N PRO C 154 -22.84 13.55 -40.18
CA PRO C 154 -21.80 12.86 -40.96
C PRO C 154 -21.90 13.05 -42.49
MG MG D . 15.17 -23.12 20.62
PG ANP E . 13.59 -19.87 20.43
O1G ANP E . 14.34 -18.76 19.74
O2G ANP E . 12.81 -19.46 21.65
O3G ANP E . 14.49 -21.06 20.74
PB ANP E . 12.61 -21.70 18.21
O1B ANP E . 12.33 -21.28 16.86
O2B ANP E . 14.00 -22.29 18.33
N3B ANP E . 12.46 -20.44 19.29
PA ANP E . 11.65 -24.13 19.59
O1A ANP E . 13.02 -24.81 19.22
O2A ANP E . 11.50 -23.79 21.02
O3A ANP E . 11.52 -22.81 18.67
O5' ANP E . 10.45 -25.12 19.12
C5' ANP E . 9.10 -24.75 19.49
C4' ANP E . 8.36 -25.99 19.99
O4' ANP E . 7.53 -26.45 18.91
C3' ANP E . 9.31 -27.15 20.19
O3' ANP E . 9.88 -27.09 21.48
C2' ANP E . 8.35 -28.26 19.98
O2' ANP E . 7.38 -28.18 21.06
C1' ANP E . 7.67 -27.80 18.76
N9 ANP E . 8.28 -28.15 17.49
C8 ANP E . 8.98 -27.43 16.64
N7 ANP E . 9.11 -27.99 15.45
C5 ANP E . 8.51 -29.22 15.59
C6 ANP E . 8.38 -30.35 14.71
N6 ANP E . 8.75 -30.51 13.40
N1 ANP E . 7.68 -31.34 15.29
C2 ANP E . 7.21 -31.33 16.56
N3 ANP E . 7.36 -30.34 17.39
C4 ANP E . 8.02 -29.32 16.86
MG MG F . -64.26 68.11 -46.21
CA CA G . -23.94 41.11 -27.29
#